data_2IPG
#
_entry.id   2IPG
#
_cell.length_a   74.030
_cell.length_b   53.340
_cell.length_c   85.120
_cell.angle_alpha   90.00
_cell.angle_beta   93.46
_cell.angle_gamma   90.00
#
_symmetry.space_group_name_H-M   'P 1 21 1'
#
loop_
_entity.id
_entity.type
_entity.pdbx_description
1 polymer '3(17)alpha-hydroxysteroid dehydrogenase'
2 non-polymer 'NADP NICOTINAMIDE-ADENINE-DINUCLEOTIDE PHOSPHATE'
3 non-polymer (10ALPHA,13ALPHA,14BETA,17ALPHA)-17-HYDROXYANDROST-4-EN-3-ONE
4 non-polymer BETA-MERCAPTOETHANOL
5 non-polymer 1,2-ETHANEDIOL
6 water water
#
_entity_poly.entity_id   1
_entity_poly.type   'polypeptide(L)'
_entity_poly.pdbx_seq_one_letter_code
;CHCVILNDGNFIPVLGFGTALPLECPASKAKELTKIAIDAGFHHFDSASVYNTEDHVGEAIRSKIADGTVRREDIFYTSK
VWCTSLHPELVRASLERSLQKLQFDYVDLYLIHYPMALKPGEENFPVDEHGKLIFDRVDLCATWEAMEKCKDAGLTKSIG
VSNFNYRQLEMILNKPGLKYKPVCNQVECHPYLNQMKLLDFCKSKDIVLVAYGVLGTQRYGGWVDQNSPVLLDEPVLGSM
AKKYNRTPALIALRYQLQRGIVVLNTSLKEERIKENMQVFEFQLSSEDMKVLDGLNRNMRYIPAAIFKGHPNWPFLDEY
;
_entity_poly.pdbx_strand_id   A,B
#
loop_
_chem_comp.id
_chem_comp.type
_chem_comp.name
_chem_comp.formula
BME non-polymer BETA-MERCAPTOETHANOL 'C2 H6 O S'
EDO non-polymer 1,2-ETHANEDIOL 'C2 H6 O2'
FFA non-polymer (10ALPHA,13ALPHA,14BETA,17ALPHA)-17-HYDROXYANDROST-4-EN-3-ONE 'C19 H28 O2'
NAP non-polymer 'NADP NICOTINAMIDE-ADENINE-DINUCLEOTIDE PHOSPHATE' 'C21 H28 N7 O17 P3'
#
# COMPACT_ATOMS: atom_id res chain seq x y z
N CYS A 1 -11.27 -0.90 -4.42
CA CYS A 1 -10.31 -0.10 -5.25
C CYS A 1 -8.88 -0.40 -4.83
N HIS A 2 -8.28 -1.43 -5.42
CA HIS A 2 -6.88 -1.73 -5.14
C HIS A 2 -6.24 -0.54 -5.84
N CYS A 3 -6.34 0.64 -5.24
CA CYS A 3 -5.84 1.87 -5.84
C CYS A 3 -4.93 2.70 -4.95
N VAL A 4 -4.25 3.65 -5.57
CA VAL A 4 -3.40 4.60 -4.86
C VAL A 4 -3.91 5.99 -5.23
N ILE A 5 -3.55 6.99 -4.43
CA ILE A 5 -4.02 8.35 -4.68
C ILE A 5 -2.97 9.23 -5.38
N LEU A 6 -3.38 9.81 -6.50
CA LEU A 6 -2.52 10.68 -7.30
C LEU A 6 -2.43 12.06 -6.64
N ASN A 7 -1.44 12.85 -7.04
CA ASN A 7 -1.27 14.17 -6.42
C ASN A 7 -2.38 15.19 -6.73
N ASP A 8 -3.35 14.81 -7.56
CA ASP A 8 -4.45 15.73 -7.85
C ASP A 8 -5.73 15.23 -7.18
N GLY A 9 -5.57 14.23 -6.30
CA GLY A 9 -6.70 13.70 -5.57
C GLY A 9 -7.42 12.51 -6.19
N ASN A 10 -7.18 12.24 -7.46
CA ASN A 10 -7.84 11.11 -8.12
C ASN A 10 -7.19 9.77 -7.80
N PHE A 11 -7.99 8.72 -7.88
CA PHE A 11 -7.53 7.37 -7.58
C PHE A 11 -7.21 6.59 -8.87
N ILE A 12 -6.20 5.75 -8.80
CA ILE A 12 -5.79 4.96 -9.96
C ILE A 12 -5.58 3.50 -9.52
N PRO A 13 -6.13 2.54 -10.27
CA PRO A 13 -5.94 1.13 -9.91
C PRO A 13 -4.46 0.78 -10.09
N VAL A 14 -3.87 0.08 -9.12
CA VAL A 14 -2.45 -0.25 -9.19
C VAL A 14 -2.06 -1.27 -10.25
N LEU A 15 -3.04 -2.01 -10.76
CA LEU A 15 -2.79 -3.01 -11.78
C LEU A 15 -3.64 -2.65 -13.01
N GLY A 16 -2.98 -2.40 -14.13
CA GLY A 16 -3.71 -2.04 -15.34
C GLY A 16 -3.40 -2.97 -16.48
N PHE A 17 -4.33 -3.08 -17.43
CA PHE A 17 -4.14 -3.93 -18.60
C PHE A 17 -3.76 -3.06 -19.80
N GLY A 18 -2.63 -3.39 -20.43
CA GLY A 18 -2.16 -2.63 -21.57
C GLY A 18 -2.81 -3.12 -22.85
N THR A 19 -3.13 -2.18 -23.75
CA THR A 19 -3.79 -2.55 -24.99
C THR A 19 -2.99 -2.40 -26.28
N ALA A 20 -1.68 -2.25 -26.17
CA ALA A 20 -0.84 -2.16 -27.35
C ALA A 20 -0.64 -3.63 -27.75
N LEU A 21 -0.66 -3.92 -29.05
CA LEU A 21 -0.48 -5.29 -29.50
C LEU A 21 0.62 -5.38 -30.54
N PRO A 22 1.28 -6.55 -30.64
CA PRO A 22 2.35 -6.71 -31.63
C PRO A 22 1.79 -6.40 -33.01
N LEU A 23 2.65 -5.92 -33.90
CA LEU A 23 2.21 -5.58 -35.26
C LEU A 23 1.57 -6.78 -35.95
N GLU A 24 1.94 -7.98 -35.53
CA GLU A 24 1.42 -9.21 -36.13
C GLU A 24 -0.04 -9.50 -35.79
N CYS A 25 -0.60 -8.75 -34.85
CA CYS A 25 -1.99 -8.98 -34.44
C CYS A 25 -2.96 -7.98 -35.05
N PRO A 26 -4.17 -8.45 -35.43
CA PRO A 26 -5.15 -7.54 -36.00
C PRO A 26 -5.64 -6.61 -34.88
N ALA A 27 -5.84 -5.34 -35.22
CA ALA A 27 -6.27 -4.35 -34.24
C ALA A 27 -7.48 -4.79 -33.42
N SER A 28 -8.44 -5.43 -34.09
CA SER A 28 -9.66 -5.89 -33.44
C SER A 28 -9.40 -6.82 -32.26
N LYS A 29 -8.21 -7.41 -32.24
CA LYS A 29 -7.82 -8.33 -31.17
C LYS A 29 -7.96 -7.64 -29.81
N ALA A 30 -7.71 -6.34 -29.78
CA ALA A 30 -7.79 -5.58 -28.55
C ALA A 30 -9.20 -5.60 -27.94
N LYS A 31 -10.23 -5.66 -28.78
CA LYS A 31 -11.59 -5.69 -28.27
C LYS A 31 -11.82 -6.93 -27.42
N GLU A 32 -11.48 -8.08 -27.98
N GLU A 32 -11.50 -8.09 -27.96
CA GLU A 32 -11.62 -9.37 -27.30
CA GLU A 32 -11.70 -9.33 -27.21
C GLU A 32 -10.82 -9.43 -26.01
C GLU A 32 -10.84 -9.41 -25.97
N LEU A 33 -9.57 -9.00 -26.07
CA LEU A 33 -8.68 -9.04 -24.91
C LEU A 33 -9.17 -8.10 -23.80
N THR A 34 -9.70 -6.94 -24.18
CA THR A 34 -10.19 -6.00 -23.19
C THR A 34 -11.41 -6.58 -22.45
N LYS A 35 -12.29 -7.25 -23.18
CA LYS A 35 -13.46 -7.85 -22.56
C LYS A 35 -13.03 -8.92 -21.56
N ILE A 36 -12.05 -9.73 -21.95
CA ILE A 36 -11.54 -10.78 -21.09
C ILE A 36 -10.95 -10.16 -19.82
N ALA A 37 -10.20 -9.06 -20.00
CA ALA A 37 -9.58 -8.37 -18.87
C ALA A 37 -10.66 -7.86 -17.91
N ILE A 38 -11.69 -7.24 -18.45
CA ILE A 38 -12.77 -6.72 -17.62
C ILE A 38 -13.41 -7.87 -16.82
N ASP A 39 -13.68 -8.98 -17.48
CA ASP A 39 -14.27 -10.12 -16.80
C ASP A 39 -13.36 -10.68 -15.71
N ALA A 40 -12.04 -10.53 -15.89
CA ALA A 40 -11.08 -11.03 -14.92
C ALA A 40 -10.90 -10.08 -13.73
N GLY A 41 -11.50 -8.89 -13.83
CA GLY A 41 -11.40 -7.93 -12.74
C GLY A 41 -10.58 -6.69 -13.00
N PHE A 42 -10.04 -6.53 -14.20
CA PHE A 42 -9.25 -5.34 -14.50
C PHE A 42 -10.15 -4.13 -14.66
N HIS A 43 -9.77 -3.02 -14.04
CA HIS A 43 -10.53 -1.78 -14.11
C HIS A 43 -9.68 -0.64 -14.69
N HIS A 44 -8.39 -0.91 -14.83
CA HIS A 44 -7.45 0.07 -15.36
C HIS A 44 -6.94 -0.41 -16.72
N PHE A 45 -7.16 0.41 -17.75
CA PHE A 45 -6.73 0.07 -19.10
C PHE A 45 -5.85 1.15 -19.70
N ASP A 46 -4.72 0.74 -20.28
CA ASP A 46 -3.78 1.67 -20.88
C ASP A 46 -3.75 1.59 -22.40
N SER A 47 -3.88 2.75 -23.04
CA SER A 47 -3.86 2.81 -24.49
C SER A 47 -3.16 4.09 -24.95
N ALA A 48 -3.22 4.36 -26.26
CA ALA A 48 -2.59 5.55 -26.82
C ALA A 48 -3.09 5.73 -28.26
N SER A 49 -3.07 6.96 -28.74
CA SER A 49 -3.52 7.23 -30.10
C SER A 49 -2.66 6.46 -31.11
N VAL A 50 -1.38 6.28 -30.79
CA VAL A 50 -0.48 5.59 -31.70
C VAL A 50 -0.68 4.08 -31.79
N TYR A 51 -1.37 3.49 -30.80
CA TYR A 51 -1.59 2.05 -30.80
C TYR A 51 -2.62 1.57 -31.84
N ASN A 52 -3.44 2.48 -32.32
CA ASN A 52 -4.48 2.14 -33.31
C ASN A 52 -5.45 1.10 -32.75
N THR A 53 -5.64 1.12 -31.43
CA THR A 53 -6.55 0.17 -30.80
C THR A 53 -7.62 0.85 -29.94
N GLU A 54 -7.54 2.17 -29.80
CA GLU A 54 -8.50 2.91 -28.98
C GLU A 54 -9.97 2.65 -29.29
N ASP A 55 -10.34 2.69 -30.56
CA ASP A 55 -11.73 2.46 -30.94
C ASP A 55 -12.19 1.05 -30.54
N HIS A 56 -11.29 0.07 -30.66
CA HIS A 56 -11.63 -1.31 -30.30
C HIS A 56 -11.72 -1.48 -28.79
N VAL A 57 -10.84 -0.80 -28.07
CA VAL A 57 -10.83 -0.86 -26.62
C VAL A 57 -12.06 -0.15 -26.08
N GLY A 58 -12.38 0.98 -26.69
CA GLY A 58 -13.55 1.74 -26.27
C GLY A 58 -14.81 0.93 -26.46
N GLU A 59 -14.87 0.18 -27.56
CA GLU A 59 -16.04 -0.64 -27.87
C GLU A 59 -16.21 -1.75 -26.83
N ALA A 60 -15.10 -2.33 -26.39
CA ALA A 60 -15.16 -3.39 -25.39
C ALA A 60 -15.68 -2.83 -24.08
N ILE A 61 -15.13 -1.68 -23.67
CA ILE A 61 -15.54 -1.04 -22.43
C ILE A 61 -17.01 -0.63 -22.48
N ARG A 62 -17.40 0.04 -23.57
CA ARG A 62 -18.80 0.47 -23.72
C ARG A 62 -19.73 -0.74 -23.76
N SER A 63 -19.25 -1.83 -24.34
CA SER A 63 -20.03 -3.06 -24.42
C SER A 63 -20.25 -3.65 -23.03
N LYS A 64 -19.22 -3.60 -22.20
CA LYS A 64 -19.30 -4.14 -20.85
C LYS A 64 -20.08 -3.22 -19.92
N ILE A 65 -20.17 -1.95 -20.27
CA ILE A 65 -20.93 -1.00 -19.47
C ILE A 65 -22.40 -1.19 -19.84
N ALA A 66 -22.63 -1.36 -21.13
CA ALA A 66 -23.97 -1.56 -21.65
C ALA A 66 -24.66 -2.80 -21.09
N ASP A 67 -23.97 -3.94 -21.06
CA ASP A 67 -24.58 -5.16 -20.55
C ASP A 67 -24.61 -5.30 -19.03
N GLY A 68 -24.23 -4.22 -18.33
CA GLY A 68 -24.26 -4.23 -16.88
C GLY A 68 -23.08 -4.80 -16.10
N THR A 69 -22.01 -5.20 -16.79
CA THR A 69 -20.85 -5.76 -16.10
C THR A 69 -20.06 -4.75 -15.27
N VAL A 70 -19.86 -3.55 -15.81
CA VAL A 70 -19.09 -2.53 -15.11
C VAL A 70 -19.63 -1.11 -15.36
N ARG A 71 -19.27 -0.17 -14.50
CA ARG A 71 -19.70 1.22 -14.62
C ARG A 71 -18.52 2.07 -15.13
N ARG A 72 -18.82 3.14 -15.86
CA ARG A 72 -17.77 4.02 -16.37
C ARG A 72 -16.91 4.57 -15.23
N GLU A 73 -17.54 5.01 -14.14
CA GLU A 73 -16.79 5.56 -13.02
C GLU A 73 -15.88 4.54 -12.36
N ASP A 74 -16.09 3.26 -12.64
CA ASP A 74 -15.27 2.21 -12.07
C ASP A 74 -14.12 1.84 -13.00
N ILE A 75 -14.14 2.44 -14.19
CA ILE A 75 -13.10 2.19 -15.19
C ILE A 75 -12.10 3.35 -15.20
N PHE A 76 -10.82 3.03 -15.30
CA PHE A 76 -9.78 4.04 -15.37
C PHE A 76 -9.12 3.82 -16.73
N TYR A 77 -9.33 4.76 -17.65
CA TYR A 77 -8.78 4.65 -19.00
C TYR A 77 -7.71 5.71 -19.26
N THR A 78 -6.59 5.28 -19.80
CA THR A 78 -5.48 6.17 -20.10
C THR A 78 -5.22 6.27 -21.59
N SER A 79 -4.98 7.49 -22.07
CA SER A 79 -4.61 7.67 -23.46
C SER A 79 -3.34 8.51 -23.46
N LYS A 80 -2.72 8.70 -24.62
CA LYS A 80 -1.49 9.47 -24.70
C LYS A 80 -1.40 10.23 -26.02
N VAL A 81 -0.91 11.46 -25.97
CA VAL A 81 -0.76 12.26 -27.19
C VAL A 81 0.59 11.89 -27.82
N TRP A 82 0.55 11.54 -29.11
CA TRP A 82 1.76 11.14 -29.82
C TRP A 82 2.67 12.31 -30.23
N CYS A 83 3.91 11.98 -30.57
CA CYS A 83 4.93 12.93 -30.98
C CYS A 83 4.52 13.95 -32.06
N THR A 84 3.65 13.53 -32.96
CA THR A 84 3.21 14.41 -34.05
C THR A 84 2.21 15.48 -33.65
N SER A 85 1.70 15.39 -32.42
CA SER A 85 0.73 16.36 -31.92
C SER A 85 1.18 17.06 -30.63
N LEU A 86 2.49 17.22 -30.45
CA LEU A 86 2.97 17.90 -29.26
C LEU A 86 2.84 19.42 -29.36
N HIS A 87 2.67 19.94 -30.58
CA HIS A 87 2.47 21.38 -30.76
C HIS A 87 1.32 21.74 -29.82
N PRO A 88 1.47 22.82 -29.03
CA PRO A 88 0.40 23.19 -28.10
C PRO A 88 -0.98 23.26 -28.74
N GLU A 89 -1.04 23.80 -29.95
CA GLU A 89 -2.31 23.96 -30.64
C GLU A 89 -2.88 22.67 -31.25
N LEU A 90 -2.15 21.56 -31.10
CA LEU A 90 -2.62 20.28 -31.64
C LEU A 90 -2.96 19.25 -30.55
N VAL A 91 -2.49 19.49 -29.33
CA VAL A 91 -2.74 18.57 -28.22
C VAL A 91 -4.23 18.26 -28.01
N ARG A 92 -5.04 19.29 -27.85
CA ARG A 92 -6.47 19.08 -27.63
C ARG A 92 -7.17 18.40 -28.81
N ALA A 93 -6.80 18.76 -30.03
CA ALA A 93 -7.42 18.15 -31.20
C ALA A 93 -7.21 16.64 -31.18
N SER A 94 -6.04 16.22 -30.71
CA SER A 94 -5.72 14.80 -30.63
C SER A 94 -6.56 14.11 -29.56
N LEU A 95 -6.69 14.74 -28.40
CA LEU A 95 -7.48 14.17 -27.31
C LEU A 95 -8.94 14.07 -27.74
N GLU A 96 -9.43 15.11 -28.39
CA GLU A 96 -10.81 15.11 -28.87
C GLU A 96 -11.03 14.01 -29.89
N ARG A 97 -10.00 13.73 -30.70
CA ARG A 97 -10.08 12.67 -31.70
C ARG A 97 -10.17 11.31 -31.00
N SER A 98 -9.36 11.13 -29.96
CA SER A 98 -9.38 9.88 -29.22
C SER A 98 -10.74 9.68 -28.57
N LEU A 99 -11.29 10.75 -27.99
CA LEU A 99 -12.59 10.65 -27.36
C LEU A 99 -13.65 10.25 -28.39
N GLN A 100 -13.50 10.76 -29.61
CA GLN A 100 -14.43 10.43 -30.69
C GLN A 100 -14.35 8.96 -31.06
N LYS A 101 -13.13 8.43 -31.08
CA LYS A 101 -12.91 7.03 -31.41
C LYS A 101 -13.46 6.11 -30.32
N LEU A 102 -13.34 6.58 -29.08
CA LEU A 102 -13.82 5.84 -27.91
C LEU A 102 -15.29 6.04 -27.63
N GLN A 103 -15.79 7.21 -28.01
CA GLN A 103 -17.17 7.61 -27.74
C GLN A 103 -17.28 7.73 -26.22
N PHE A 104 -16.28 8.38 -25.63
CA PHE A 104 -16.21 8.66 -24.19
C PHE A 104 -16.35 10.16 -24.03
N ASP A 105 -16.77 10.61 -22.85
CA ASP A 105 -16.90 12.03 -22.59
C ASP A 105 -15.58 12.54 -22.03
N TYR A 106 -14.79 11.62 -21.49
CA TYR A 106 -13.51 11.96 -20.90
C TYR A 106 -12.65 10.71 -20.77
N VAL A 107 -11.37 10.93 -20.51
CA VAL A 107 -10.44 9.82 -20.26
C VAL A 107 -9.98 10.13 -18.85
N ASP A 108 -9.58 9.10 -18.10
CA ASP A 108 -9.15 9.36 -16.74
C ASP A 108 -7.75 9.94 -16.67
N LEU A 109 -6.93 9.61 -17.65
CA LEU A 109 -5.55 10.08 -17.67
C LEU A 109 -5.07 10.32 -19.10
N TYR A 110 -4.30 11.39 -19.29
CA TYR A 110 -3.76 11.72 -20.60
C TYR A 110 -2.27 12.00 -20.40
N LEU A 111 -1.44 11.35 -21.21
CA LEU A 111 0.01 11.50 -21.09
C LEU A 111 0.71 11.98 -22.34
N ILE A 112 1.85 12.64 -22.15
CA ILE A 112 2.69 13.05 -23.25
C ILE A 112 3.45 11.73 -23.43
N HIS A 113 3.28 11.08 -24.58
CA HIS A 113 3.88 9.77 -24.84
C HIS A 113 5.41 9.72 -24.78
N TYR A 114 6.06 10.73 -25.36
CA TYR A 114 7.52 10.84 -25.38
C TYR A 114 7.82 12.33 -25.37
N PRO A 115 8.97 12.73 -24.80
CA PRO A 115 9.34 14.14 -24.76
C PRO A 115 10.00 14.54 -26.09
N MET A 116 9.57 13.90 -27.17
CA MET A 116 10.14 14.15 -28.48
C MET A 116 9.09 14.41 -29.55
N ALA A 117 9.14 15.59 -30.15
CA ALA A 117 8.18 15.95 -31.19
C ALA A 117 8.65 15.51 -32.57
N LEU A 118 7.69 15.19 -33.43
CA LEU A 118 7.96 14.79 -34.81
C LEU A 118 7.11 15.70 -35.71
N LYS A 119 7.48 15.77 -36.99
CA LYS A 119 6.76 16.60 -37.95
C LYS A 119 5.25 16.32 -37.92
N PRO A 120 4.43 17.36 -37.71
CA PRO A 120 2.97 17.23 -37.66
C PRO A 120 2.42 16.61 -38.93
N GLY A 121 1.35 15.83 -38.80
CA GLY A 121 0.74 15.19 -39.96
C GLY A 121 0.03 13.91 -39.58
N GLU A 122 -0.75 13.36 -40.50
CA GLU A 122 -1.48 12.13 -40.27
C GLU A 122 -0.55 10.96 -39.99
N GLU A 123 0.59 10.93 -40.66
CA GLU A 123 1.57 9.87 -40.50
C GLU A 123 2.20 9.94 -39.10
N ASN A 124 2.16 8.82 -38.37
CA ASN A 124 2.74 8.80 -37.04
C ASN A 124 4.27 8.75 -37.07
N PHE A 125 4.82 8.17 -38.13
CA PHE A 125 6.27 8.07 -38.25
C PHE A 125 6.79 8.67 -39.55
N PRO A 126 6.74 10.01 -39.66
CA PRO A 126 7.22 10.69 -40.88
C PRO A 126 8.72 10.52 -41.03
N VAL A 127 9.15 10.08 -42.20
CA VAL A 127 10.56 9.86 -42.48
C VAL A 127 10.98 10.49 -43.80
N ASP A 128 12.29 10.66 -43.98
CA ASP A 128 12.81 11.22 -45.22
C ASP A 128 13.25 10.08 -46.14
N GLU A 129 13.91 10.39 -47.25
CA GLU A 129 14.34 9.35 -48.19
C GLU A 129 15.32 8.37 -47.58
N HIS A 130 15.96 8.75 -46.48
CA HIS A 130 16.91 7.85 -45.83
C HIS A 130 16.22 6.98 -44.80
N GLY A 131 14.90 7.15 -44.67
CA GLY A 131 14.15 6.37 -43.71
C GLY A 131 14.33 6.85 -42.28
N LYS A 132 14.83 8.07 -42.12
CA LYS A 132 15.05 8.63 -40.80
C LYS A 132 13.87 9.51 -40.40
N LEU A 133 13.49 9.42 -39.13
CA LEU A 133 12.37 10.21 -38.61
C LEU A 133 12.60 11.71 -38.78
N ILE A 134 11.54 12.43 -39.12
CA ILE A 134 11.62 13.87 -39.29
C ILE A 134 11.28 14.54 -37.96
N PHE A 135 12.33 14.95 -37.25
CA PHE A 135 12.18 15.56 -35.95
C PHE A 135 11.66 16.99 -36.01
N ASP A 136 11.04 17.41 -34.92
CA ASP A 136 10.54 18.77 -34.80
C ASP A 136 10.92 19.24 -33.41
N ARG A 137 10.95 20.56 -33.21
CA ARG A 137 11.30 21.13 -31.91
C ARG A 137 10.10 21.89 -31.36
N VAL A 138 9.73 21.59 -30.12
CA VAL A 138 8.60 22.24 -29.49
C VAL A 138 8.91 22.64 -28.06
N ASP A 139 8.16 23.62 -27.57
CA ASP A 139 8.29 24.10 -26.20
C ASP A 139 7.45 23.13 -25.37
N LEU A 140 8.10 22.18 -24.71
CA LEU A 140 7.37 21.20 -23.92
C LEU A 140 6.61 21.82 -22.75
N CYS A 141 7.02 23.00 -22.31
CA CYS A 141 6.31 23.64 -21.21
C CYS A 141 4.99 24.15 -21.78
N ALA A 142 5.02 24.52 -23.05
CA ALA A 142 3.83 25.02 -23.72
C ALA A 142 2.92 23.82 -23.98
N THR A 143 3.53 22.67 -24.27
CA THR A 143 2.79 21.45 -24.50
C THR A 143 2.06 21.09 -23.19
N TRP A 144 2.76 21.24 -22.07
CA TRP A 144 2.17 20.93 -20.78
C TRP A 144 1.01 21.87 -20.48
N GLU A 145 1.17 23.15 -20.76
CA GLU A 145 0.09 24.10 -20.52
C GLU A 145 -1.16 23.64 -21.25
N ALA A 146 -0.97 23.12 -22.46
CA ALA A 146 -2.09 22.64 -23.27
C ALA A 146 -2.74 21.43 -22.61
N MET A 147 -1.93 20.61 -21.93
CA MET A 147 -2.44 19.44 -21.23
C MET A 147 -3.26 19.92 -20.05
N GLU A 148 -2.75 20.93 -19.35
CA GLU A 148 -3.44 21.48 -18.19
C GLU A 148 -4.81 22.01 -18.59
N LYS A 149 -4.89 22.65 -19.75
CA LYS A 149 -6.15 23.19 -20.25
C LYS A 149 -7.13 22.05 -20.53
N CYS A 150 -6.60 20.92 -20.99
CA CYS A 150 -7.44 19.75 -21.27
C CYS A 150 -8.05 19.23 -19.97
N LYS A 151 -7.30 19.31 -18.89
CA LYS A 151 -7.78 18.87 -17.58
C LYS A 151 -8.84 19.88 -17.11
N ASP A 152 -8.56 21.16 -17.28
CA ASP A 152 -9.50 22.20 -16.87
C ASP A 152 -10.79 22.20 -17.70
N ALA A 153 -10.74 21.60 -18.89
CA ALA A 153 -11.92 21.53 -19.75
C ALA A 153 -12.72 20.27 -19.44
N GLY A 154 -12.18 19.42 -18.57
CA GLY A 154 -12.87 18.20 -18.20
C GLY A 154 -12.73 17.07 -19.19
N LEU A 155 -11.84 17.22 -20.18
CA LEU A 155 -11.66 16.18 -21.18
C LEU A 155 -10.84 15.00 -20.62
N THR A 156 -10.07 15.28 -19.57
CA THR A 156 -9.28 14.27 -18.89
C THR A 156 -9.24 14.64 -17.41
N LYS A 157 -9.37 13.65 -16.53
CA LYS A 157 -9.36 13.93 -15.10
C LYS A 157 -7.96 14.29 -14.59
N SER A 158 -6.95 13.59 -15.11
CA SER A 158 -5.57 13.82 -14.70
C SER A 158 -4.64 13.86 -15.90
N ILE A 159 -3.43 14.39 -15.70
CA ILE A 159 -2.45 14.46 -16.76
C ILE A 159 -1.09 14.06 -16.23
N GLY A 160 -0.29 13.42 -17.08
CA GLY A 160 1.04 12.98 -16.69
C GLY A 160 1.94 12.87 -17.90
N VAL A 161 3.07 12.22 -17.73
CA VAL A 161 4.00 12.05 -18.84
C VAL A 161 4.49 10.61 -18.93
N SER A 162 5.22 10.32 -20.00
CA SER A 162 5.76 8.99 -20.24
C SER A 162 7.14 9.11 -20.86
N ASN A 163 8.06 8.26 -20.42
CA ASN A 163 9.41 8.25 -20.94
C ASN A 163 10.19 9.56 -20.75
N PHE A 164 9.95 10.24 -19.63
CA PHE A 164 10.66 11.48 -19.30
C PHE A 164 11.77 11.13 -18.31
N ASN A 165 12.91 11.81 -18.42
CA ASN A 165 13.98 11.55 -17.48
C ASN A 165 13.92 12.64 -16.39
N TYR A 166 14.82 12.54 -15.42
CA TYR A 166 14.91 13.48 -14.30
C TYR A 166 14.90 14.95 -14.72
N ARG A 167 15.79 15.30 -15.65
CA ARG A 167 15.89 16.68 -16.12
C ARG A 167 14.62 17.18 -16.80
N GLN A 168 13.97 16.31 -17.56
CA GLN A 168 12.73 16.70 -18.24
C GLN A 168 11.57 16.88 -17.27
N LEU A 169 11.53 16.08 -16.21
CA LEU A 169 10.47 16.24 -15.20
C LEU A 169 10.71 17.57 -14.50
N GLU A 170 11.98 17.85 -14.19
CA GLU A 170 12.34 19.11 -13.51
C GLU A 170 11.90 20.30 -14.37
N MET A 171 12.09 20.16 -15.68
CA MET A 171 11.72 21.20 -16.63
C MET A 171 10.26 21.61 -16.43
N ILE A 172 9.42 20.62 -16.18
CA ILE A 172 8.00 20.86 -15.97
C ILE A 172 7.72 21.31 -14.54
N LEU A 173 8.35 20.65 -13.57
CA LEU A 173 8.15 20.96 -12.16
C LEU A 173 8.60 22.38 -11.76
N ASN A 174 9.60 22.91 -12.46
CA ASN A 174 10.11 24.24 -12.16
C ASN A 174 9.54 25.32 -13.06
N LYS A 175 8.60 24.93 -13.91
CA LYS A 175 8.00 25.87 -14.86
C LYS A 175 7.27 27.02 -14.17
N PRO A 176 7.62 28.26 -14.54
CA PRO A 176 6.93 29.39 -13.92
C PRO A 176 5.49 29.37 -14.41
N GLY A 177 4.54 29.41 -13.49
CA GLY A 177 3.14 29.39 -13.87
C GLY A 177 2.53 28.00 -13.87
N LEU A 178 3.33 26.99 -13.50
CA LEU A 178 2.85 25.62 -13.46
C LEU A 178 1.57 25.52 -12.65
N LYS A 179 0.55 24.87 -13.20
CA LYS A 179 -0.71 24.73 -12.48
C LYS A 179 -0.87 23.33 -11.90
N TYR A 180 -0.61 22.31 -12.72
CA TYR A 180 -0.75 20.93 -12.27
C TYR A 180 0.52 20.13 -12.54
N LYS A 181 1.06 19.52 -11.48
CA LYS A 181 2.25 18.68 -11.61
C LYS A 181 1.81 17.40 -12.32
N PRO A 182 2.74 16.72 -13.01
CA PRO A 182 2.38 15.48 -13.69
C PRO A 182 2.00 14.49 -12.59
N VAL A 183 0.92 13.74 -12.74
CA VAL A 183 0.55 12.79 -11.70
C VAL A 183 1.40 11.53 -11.78
N CYS A 184 1.99 11.30 -12.95
CA CYS A 184 2.81 10.09 -13.13
C CYS A 184 3.83 10.21 -14.24
N ASN A 185 4.72 9.22 -14.30
CA ASN A 185 5.72 9.11 -15.34
C ASN A 185 5.72 7.63 -15.70
N GLN A 186 5.14 7.29 -16.86
CA GLN A 186 5.09 5.90 -17.30
C GLN A 186 6.38 5.56 -18.04
N VAL A 187 7.15 4.67 -17.46
CA VAL A 187 8.43 4.26 -18.02
C VAL A 187 8.62 2.75 -17.93
N GLU A 188 9.67 2.26 -18.58
CA GLU A 188 9.98 0.83 -18.56
C GLU A 188 10.60 0.50 -17.21
N CYS A 189 10.16 -0.59 -16.59
CA CYS A 189 10.72 -0.98 -15.30
C CYS A 189 10.52 -2.46 -15.05
N HIS A 190 11.62 -3.13 -14.69
CA HIS A 190 11.61 -4.57 -14.41
C HIS A 190 12.92 -4.86 -13.66
N PRO A 191 13.14 -6.12 -13.23
CA PRO A 191 14.38 -6.41 -12.51
C PRO A 191 15.69 -6.16 -13.24
N TYR A 192 15.67 -6.15 -14.57
CA TYR A 192 16.90 -5.90 -15.34
C TYR A 192 17.12 -4.39 -15.51
N LEU A 193 16.10 -3.60 -15.19
CA LEU A 193 16.14 -2.13 -15.27
C LEU A 193 15.21 -1.66 -14.16
N ASN A 194 15.65 -1.76 -12.91
CA ASN A 194 14.80 -1.40 -11.78
C ASN A 194 14.49 0.06 -11.52
N GLN A 195 15.13 0.98 -12.26
CA GLN A 195 14.87 2.41 -12.11
C GLN A 195 14.95 2.89 -10.67
N MET A 196 15.88 2.37 -9.89
CA MET A 196 15.99 2.79 -8.50
C MET A 196 16.05 4.32 -8.37
N LYS A 197 16.95 4.96 -9.13
CA LYS A 197 17.11 6.40 -9.08
C LYS A 197 15.88 7.20 -9.48
N LEU A 198 15.33 6.91 -10.66
CA LEU A 198 14.16 7.62 -11.15
C LEU A 198 12.95 7.40 -10.25
N LEU A 199 12.82 6.19 -9.70
CA LEU A 199 11.70 5.88 -8.81
C LEU A 199 11.80 6.74 -7.54
N ASP A 200 13.00 6.82 -6.97
CA ASP A 200 13.20 7.60 -5.76
C ASP A 200 12.87 9.07 -6.03
N PHE A 201 13.29 9.57 -7.19
CA PHE A 201 13.00 10.95 -7.54
C PHE A 201 11.49 11.21 -7.65
N CYS A 202 10.80 10.35 -8.39
CA CYS A 202 9.36 10.52 -8.55
C CYS A 202 8.64 10.54 -7.20
N LYS A 203 8.95 9.59 -6.33
CA LYS A 203 8.33 9.55 -5.01
C LYS A 203 8.53 10.87 -4.26
N SER A 204 9.74 11.40 -4.31
CA SER A 204 10.05 12.66 -3.61
C SER A 204 9.22 13.82 -4.13
N LYS A 205 8.68 13.68 -5.35
CA LYS A 205 7.88 14.74 -5.98
C LYS A 205 6.39 14.41 -6.05
N ASP A 206 5.98 13.31 -5.42
CA ASP A 206 4.58 12.89 -5.44
C ASP A 206 4.14 12.44 -6.84
N ILE A 207 5.10 11.97 -7.63
CA ILE A 207 4.79 11.50 -8.99
C ILE A 207 4.81 9.97 -8.94
N VAL A 208 3.75 9.34 -9.41
CA VAL A 208 3.67 7.89 -9.41
C VAL A 208 4.42 7.33 -10.62
N LEU A 209 5.23 6.30 -10.39
CA LEU A 209 5.92 5.68 -11.51
C LEU A 209 5.01 4.56 -11.99
N VAL A 210 4.57 4.64 -13.25
CA VAL A 210 3.73 3.61 -13.84
C VAL A 210 4.65 2.83 -14.76
N ALA A 211 4.72 1.52 -14.56
CA ALA A 211 5.64 0.70 -15.34
C ALA A 211 5.09 -0.19 -16.44
N TYR A 212 5.81 -0.20 -17.57
CA TYR A 212 5.48 -1.09 -18.67
C TYR A 212 6.74 -1.95 -18.78
N GLY A 213 6.70 -3.00 -19.60
CA GLY A 213 7.85 -3.87 -19.73
C GLY A 213 8.08 -4.65 -18.45
N VAL A 214 7.07 -4.66 -17.58
CA VAL A 214 7.16 -5.36 -16.30
C VAL A 214 7.48 -6.84 -16.49
N LEU A 215 7.03 -7.40 -17.60
CA LEU A 215 7.27 -8.81 -17.89
C LEU A 215 8.26 -8.98 -19.03
N GLY A 216 9.00 -7.91 -19.33
CA GLY A 216 10.00 -7.96 -20.38
C GLY A 216 9.61 -7.38 -21.74
N THR A 217 8.39 -6.85 -21.81
CA THR A 217 7.82 -6.24 -23.03
C THR A 217 7.43 -7.31 -24.04
N GLN A 218 6.55 -6.97 -24.97
CA GLN A 218 6.13 -7.92 -25.99
C GLN A 218 7.17 -8.05 -27.09
N ARG A 219 8.35 -7.48 -26.84
CA ARG A 219 9.48 -7.55 -27.76
C ARG A 219 9.14 -7.20 -29.21
N TYR A 220 8.47 -6.05 -29.38
CA TYR A 220 8.05 -5.57 -30.69
C TYR A 220 9.16 -5.47 -31.73
N GLY A 221 8.89 -5.98 -32.93
CA GLY A 221 9.87 -5.89 -34.00
C GLY A 221 10.12 -4.44 -34.35
N GLY A 222 11.39 -4.06 -34.55
CA GLY A 222 11.70 -2.69 -34.88
C GLY A 222 11.86 -1.78 -33.67
N TRP A 223 11.66 -2.34 -32.48
CA TRP A 223 11.80 -1.56 -31.24
C TRP A 223 12.62 -2.29 -30.19
N VAL A 224 12.59 -3.62 -30.21
CA VAL A 224 13.33 -4.41 -29.22
C VAL A 224 14.37 -5.32 -29.87
N ASP A 225 15.56 -5.36 -29.27
CA ASP A 225 16.64 -6.22 -29.75
C ASP A 225 16.15 -7.66 -29.61
N GLN A 226 15.89 -8.32 -30.72
CA GLN A 226 15.41 -9.69 -30.69
C GLN A 226 16.37 -10.68 -30.05
N ASN A 227 17.62 -10.28 -29.88
CA ASN A 227 18.61 -11.18 -29.27
C ASN A 227 18.82 -10.90 -27.80
N SER A 228 18.08 -9.93 -27.25
CA SER A 228 18.20 -9.59 -25.85
C SER A 228 17.59 -10.74 -25.04
N PRO A 229 18.02 -10.89 -23.77
CA PRO A 229 17.48 -11.98 -22.94
C PRO A 229 15.99 -11.80 -22.65
N VAL A 230 15.26 -12.90 -22.59
CA VAL A 230 13.84 -12.87 -22.30
C VAL A 230 13.71 -12.78 -20.78
N LEU A 231 13.14 -11.70 -20.28
CA LEU A 231 13.02 -11.51 -18.84
C LEU A 231 12.45 -12.69 -18.06
N LEU A 232 11.30 -13.21 -18.48
CA LEU A 232 10.69 -14.31 -17.74
C LEU A 232 11.49 -15.62 -17.73
N ASP A 233 12.62 -15.63 -18.42
CA ASP A 233 13.48 -16.81 -18.45
C ASP A 233 14.55 -16.68 -17.35
N GLU A 234 14.55 -15.54 -16.67
CA GLU A 234 15.52 -15.31 -15.60
C GLU A 234 15.41 -16.37 -14.51
N PRO A 235 16.48 -17.14 -14.27
CA PRO A 235 16.51 -18.19 -13.25
C PRO A 235 15.97 -17.77 -11.88
N VAL A 236 16.40 -16.60 -11.39
CA VAL A 236 15.95 -16.13 -10.09
C VAL A 236 14.43 -16.04 -10.01
N LEU A 237 13.79 -15.65 -11.09
CA LEU A 237 12.32 -15.56 -11.13
C LEU A 237 11.72 -16.96 -11.10
N GLY A 238 12.39 -17.90 -11.75
CA GLY A 238 11.91 -19.28 -11.77
C GLY A 238 11.99 -19.92 -10.41
N SER A 239 13.12 -19.74 -9.73
CA SER A 239 13.31 -20.32 -8.40
C SER A 239 12.33 -19.71 -7.41
N MET A 240 12.16 -18.40 -7.47
CA MET A 240 11.25 -17.72 -6.57
C MET A 240 9.81 -18.17 -6.85
N ALA A 241 9.49 -18.39 -8.12
CA ALA A 241 8.15 -18.84 -8.48
C ALA A 241 7.84 -20.17 -7.78
N LYS A 242 8.82 -21.06 -7.76
CA LYS A 242 8.64 -22.35 -7.12
C LYS A 242 8.52 -22.22 -5.61
N LYS A 243 9.35 -21.36 -5.03
CA LYS A 243 9.33 -21.13 -3.59
C LYS A 243 7.96 -20.65 -3.12
N TYR A 244 7.35 -19.72 -3.87
CA TYR A 244 6.05 -19.18 -3.51
C TYR A 244 4.85 -19.89 -4.14
N ASN A 245 5.10 -20.94 -4.89
CA ASN A 245 4.00 -21.67 -5.52
C ASN A 245 3.23 -20.76 -6.48
N ARG A 246 3.96 -19.87 -7.15
CA ARG A 246 3.36 -18.94 -8.11
C ARG A 246 4.03 -19.14 -9.49
N THR A 247 4.17 -18.05 -10.25
CA THR A 247 4.79 -18.15 -11.57
C THR A 247 5.80 -17.01 -11.75
N PRO A 248 6.72 -17.16 -12.71
CA PRO A 248 7.71 -16.10 -12.91
C PRO A 248 7.06 -14.73 -13.12
N ALA A 249 5.97 -14.69 -13.91
CA ALA A 249 5.26 -13.44 -14.18
C ALA A 249 4.68 -12.84 -12.90
N LEU A 250 4.09 -13.69 -12.06
CA LEU A 250 3.49 -13.21 -10.82
C LEU A 250 4.56 -12.63 -9.89
N ILE A 251 5.75 -13.24 -9.88
CA ILE A 251 6.82 -12.74 -9.04
C ILE A 251 7.27 -11.36 -9.53
N ALA A 252 7.41 -11.22 -10.84
CA ALA A 252 7.84 -9.96 -11.45
C ALA A 252 6.82 -8.85 -11.21
N LEU A 253 5.55 -9.18 -11.30
CA LEU A 253 4.48 -8.21 -11.07
C LEU A 253 4.44 -7.78 -9.60
N ARG A 254 4.48 -8.75 -8.69
CA ARG A 254 4.42 -8.45 -7.26
C ARG A 254 5.62 -7.63 -6.80
N TYR A 255 6.78 -7.90 -7.39
CA TYR A 255 8.00 -7.16 -7.05
C TYR A 255 7.76 -5.65 -7.21
N GLN A 256 7.14 -5.27 -8.31
CA GLN A 256 6.89 -3.86 -8.59
C GLN A 256 5.82 -3.26 -7.68
N LEU A 257 4.75 -3.99 -7.42
CA LEU A 257 3.69 -3.49 -6.56
C LEU A 257 4.20 -3.16 -5.15
N GLN A 258 5.11 -4.00 -4.65
CA GLN A 258 5.65 -3.78 -3.32
C GLN A 258 6.62 -2.61 -3.24
N ARG A 259 7.02 -2.08 -4.39
CA ARG A 259 7.93 -0.93 -4.44
C ARG A 259 7.13 0.37 -4.63
N GLY A 260 5.81 0.25 -4.63
CA GLY A 260 4.97 1.43 -4.80
C GLY A 260 4.73 1.83 -6.23
N ILE A 261 5.00 0.92 -7.16
CA ILE A 261 4.83 1.17 -8.58
C ILE A 261 3.46 0.66 -9.06
N VAL A 262 2.87 1.40 -10.00
CA VAL A 262 1.59 1.01 -10.61
C VAL A 262 2.07 0.19 -11.81
N VAL A 263 1.57 -1.03 -11.92
N VAL A 263 1.58 -1.04 -11.92
CA VAL A 263 2.00 -1.95 -12.97
CA VAL A 263 2.03 -1.90 -13.01
C VAL A 263 1.02 -2.21 -14.12
C VAL A 263 1.03 -2.17 -14.12
N LEU A 264 1.54 -2.22 -15.34
CA LEU A 264 0.75 -2.49 -16.52
C LEU A 264 1.17 -3.90 -16.93
N ASN A 265 0.35 -4.57 -17.73
CA ASN A 265 0.69 -5.91 -18.20
C ASN A 265 -0.20 -6.24 -19.38
N THR A 266 0.35 -6.98 -20.33
CA THR A 266 -0.39 -7.41 -21.50
C THR A 266 -0.11 -8.87 -21.80
N SER A 267 -1.14 -9.58 -22.23
CA SER A 267 -1.02 -10.98 -22.62
C SER A 267 -2.09 -11.21 -23.67
N LEU A 268 -1.79 -12.07 -24.63
CA LEU A 268 -2.73 -12.38 -25.69
C LEU A 268 -3.50 -13.64 -25.31
N LYS A 269 -3.12 -14.24 -24.19
CA LYS A 269 -3.74 -15.48 -23.72
C LYS A 269 -4.69 -15.28 -22.53
N GLU A 270 -5.93 -15.71 -22.73
CA GLU A 270 -6.97 -15.58 -21.69
C GLU A 270 -6.52 -16.10 -20.32
N GLU A 271 -5.86 -17.26 -20.30
CA GLU A 271 -5.42 -17.87 -19.06
C GLU A 271 -4.42 -16.99 -18.28
N ARG A 272 -3.56 -16.29 -19.01
CA ARG A 272 -2.56 -15.44 -18.38
C ARG A 272 -3.13 -14.12 -17.88
N ILE A 273 -4.14 -13.61 -18.59
CA ILE A 273 -4.78 -12.37 -18.19
C ILE A 273 -5.44 -12.62 -16.83
N LYS A 274 -6.10 -13.78 -16.70
CA LYS A 274 -6.75 -14.16 -15.45
C LYS A 274 -5.72 -14.40 -14.35
N GLU A 275 -4.61 -15.02 -14.73
CA GLU A 275 -3.55 -15.34 -13.78
C GLU A 275 -2.97 -14.10 -13.11
N ASN A 276 -2.63 -13.12 -13.93
CA ASN A 276 -2.02 -11.89 -13.45
C ASN A 276 -2.79 -11.20 -12.32
N MET A 277 -4.10 -11.37 -12.28
CA MET A 277 -4.92 -10.76 -11.24
C MET A 277 -4.59 -11.37 -9.88
N GLN A 278 -3.94 -12.54 -9.89
CA GLN A 278 -3.58 -13.23 -8.65
C GLN A 278 -2.41 -12.57 -7.92
N VAL A 279 -1.89 -11.49 -8.49
CA VAL A 279 -0.77 -10.79 -7.88
C VAL A 279 -1.12 -10.21 -6.51
N PHE A 280 -2.41 -10.00 -6.26
CA PHE A 280 -2.85 -9.44 -4.98
C PHE A 280 -2.97 -10.50 -3.89
N GLU A 281 -2.72 -11.76 -4.25
CA GLU A 281 -2.88 -12.84 -3.29
C GLU A 281 -1.68 -13.23 -2.43
N PHE A 282 -0.48 -12.78 -2.76
CA PHE A 282 0.68 -13.14 -1.96
C PHE A 282 1.65 -12.00 -1.71
N GLN A 283 2.56 -12.22 -0.77
CA GLN A 283 3.55 -11.23 -0.38
C GLN A 283 4.97 -11.79 -0.51
N LEU A 284 5.87 -11.01 -1.11
CA LEU A 284 7.26 -11.40 -1.25
C LEU A 284 7.97 -10.93 0.02
N SER A 285 8.84 -11.76 0.56
CA SER A 285 9.55 -11.39 1.77
C SER A 285 10.49 -10.24 1.47
N SER A 286 10.92 -9.54 2.52
CA SER A 286 11.84 -8.42 2.39
C SER A 286 13.20 -8.89 1.85
N GLU A 287 13.62 -10.07 2.27
CA GLU A 287 14.91 -10.61 1.82
C GLU A 287 14.85 -10.95 0.34
N ASP A 288 13.70 -11.47 -0.12
CA ASP A 288 13.56 -11.81 -1.53
C ASP A 288 13.45 -10.58 -2.40
N MET A 289 12.96 -9.48 -1.85
CA MET A 289 12.86 -8.23 -2.62
C MET A 289 14.28 -7.76 -2.90
N LYS A 290 15.16 -7.91 -1.89
CA LYS A 290 16.54 -7.50 -2.05
C LYS A 290 17.23 -8.35 -3.11
N VAL A 291 16.88 -9.63 -3.18
CA VAL A 291 17.45 -10.52 -4.18
C VAL A 291 17.06 -10.03 -5.58
N LEU A 292 15.80 -9.63 -5.73
CA LEU A 292 15.33 -9.13 -7.01
C LEU A 292 15.99 -7.79 -7.35
N ASP A 293 16.30 -7.00 -6.33
CA ASP A 293 16.97 -5.71 -6.55
C ASP A 293 18.35 -5.94 -7.15
N GLY A 294 18.90 -7.13 -6.90
CA GLY A 294 20.24 -7.44 -7.38
C GLY A 294 20.37 -7.80 -8.85
N LEU A 295 19.24 -7.97 -9.54
CA LEU A 295 19.25 -8.35 -10.95
C LEU A 295 19.46 -7.19 -11.93
N ASN A 296 19.43 -5.96 -11.42
CA ASN A 296 19.59 -4.80 -12.29
C ASN A 296 20.84 -4.93 -13.18
N ARG A 297 20.67 -4.72 -14.48
CA ARG A 297 21.79 -4.81 -15.41
C ARG A 297 21.66 -3.82 -16.56
N ASN A 298 20.90 -2.76 -16.33
CA ASN A 298 20.67 -1.71 -17.31
C ASN A 298 20.25 -2.25 -18.67
N MET A 299 19.29 -3.18 -18.67
CA MET A 299 18.79 -3.75 -19.90
C MET A 299 17.52 -2.99 -20.28
N ARG A 300 17.63 -2.07 -21.22
CA ARG A 300 16.48 -1.30 -21.66
C ARG A 300 15.95 -1.96 -22.93
N TYR A 301 14.82 -2.65 -22.81
CA TYR A 301 14.23 -3.32 -23.96
C TYR A 301 13.73 -2.36 -25.04
N ILE A 302 13.16 -1.23 -24.62
CA ILE A 302 12.64 -0.26 -25.57
C ILE A 302 13.35 1.09 -25.45
N PRO A 303 14.55 1.21 -26.05
CA PRO A 303 15.35 2.43 -26.02
C PRO A 303 14.90 3.51 -26.99
N ALA A 304 13.87 3.22 -27.79
CA ALA A 304 13.38 4.18 -28.78
C ALA A 304 14.57 4.56 -29.67
N ALA A 305 15.28 3.54 -30.12
CA ALA A 305 16.47 3.71 -30.96
C ALA A 305 16.27 4.54 -32.22
N ILE A 306 15.11 4.45 -32.86
CA ILE A 306 14.90 5.24 -34.06
C ILE A 306 14.83 6.74 -33.74
N PHE A 307 14.75 7.09 -32.45
CA PHE A 307 14.69 8.47 -32.01
C PHE A 307 16.04 8.93 -31.43
N LYS A 308 17.03 8.03 -31.44
CA LYS A 308 18.33 8.32 -30.85
C LYS A 308 19.01 9.66 -31.18
N GLY A 309 18.79 10.20 -32.37
CA GLY A 309 19.42 11.46 -32.70
C GLY A 309 18.63 12.69 -32.28
N HIS A 310 17.40 12.47 -31.81
CA HIS A 310 16.55 13.57 -31.39
C HIS A 310 17.17 14.31 -30.21
N PRO A 311 17.17 15.65 -30.26
CA PRO A 311 17.74 16.47 -29.18
C PRO A 311 17.20 16.11 -27.79
N ASN A 312 15.95 15.66 -27.73
CA ASN A 312 15.35 15.31 -26.45
C ASN A 312 15.29 13.82 -26.13
N TRP A 313 16.10 13.01 -26.81
CA TRP A 313 16.11 11.57 -26.52
C TRP A 313 16.34 11.47 -25.01
N PRO A 314 15.37 10.90 -24.28
CA PRO A 314 15.42 10.76 -22.82
C PRO A 314 16.33 9.74 -22.15
N PHE A 315 16.90 8.81 -22.91
CA PHE A 315 17.70 7.78 -22.29
C PHE A 315 19.22 7.94 -22.28
N LEU A 316 19.69 9.15 -22.50
CA LEU A 316 21.13 9.40 -22.50
C LEU A 316 21.60 9.61 -21.07
N ASP A 317 20.87 10.45 -20.32
CA ASP A 317 21.24 10.74 -18.95
C ASP A 317 21.17 9.47 -18.08
N GLU A 318 21.91 9.47 -16.98
CA GLU A 318 21.94 8.34 -16.07
C GLU A 318 20.52 7.94 -15.66
N TYR A 319 19.65 8.95 -15.54
CA TYR A 319 18.25 8.74 -15.20
C TYR A 319 17.49 10.07 -15.35
N CYS B 1 -10.61 -5.98 0.95
CA CYS B 1 -10.30 -5.31 2.24
C CYS B 1 -9.06 -4.43 2.17
N HIS B 2 -9.10 -3.33 2.92
CA HIS B 2 -7.93 -2.46 3.00
C HIS B 2 -7.05 -3.28 3.94
N CYS B 3 -6.43 -4.30 3.38
CA CYS B 3 -5.60 -5.24 4.12
C CYS B 3 -4.16 -5.33 3.63
N VAL B 4 -3.29 -5.84 4.50
CA VAL B 4 -1.90 -6.08 4.17
C VAL B 4 -1.69 -7.55 4.55
N ILE B 5 -0.67 -8.18 3.98
CA ILE B 5 -0.43 -9.60 4.24
C ILE B 5 0.65 -9.88 5.28
N LEU B 6 0.33 -10.74 6.24
CA LEU B 6 1.26 -11.11 7.31
C LEU B 6 2.24 -12.16 6.81
N ASN B 7 3.36 -12.32 7.51
CA ASN B 7 4.37 -13.29 7.07
C ASN B 7 3.94 -14.76 7.14
N ASP B 8 2.75 -15.02 7.67
CA ASP B 8 2.26 -16.40 7.73
C ASP B 8 1.16 -16.58 6.69
N GLY B 9 0.99 -15.58 5.84
CA GLY B 9 -0.01 -15.65 4.79
C GLY B 9 -1.37 -15.05 5.08
N ASN B 10 -1.69 -14.84 6.35
CA ASN B 10 -2.98 -14.28 6.73
C ASN B 10 -3.08 -12.78 6.45
N PHE B 11 -4.30 -12.32 6.19
CA PHE B 11 -4.57 -10.91 5.91
C PHE B 11 -5.08 -10.17 7.13
N ILE B 12 -4.65 -8.92 7.28
CA ILE B 12 -5.08 -8.09 8.40
C ILE B 12 -5.51 -6.70 7.92
N PRO B 13 -6.69 -6.22 8.36
CA PRO B 13 -7.15 -4.90 7.93
C PRO B 13 -6.20 -3.86 8.53
N VAL B 14 -5.80 -2.86 7.74
CA VAL B 14 -4.85 -1.85 8.21
C VAL B 14 -5.38 -0.86 9.24
N LEU B 15 -6.70 -0.80 9.39
CA LEU B 15 -7.32 0.08 10.36
C LEU B 15 -8.13 -0.79 11.33
N GLY B 16 -7.76 -0.76 12.61
CA GLY B 16 -8.47 -1.55 13.60
C GLY B 16 -9.04 -0.68 14.71
N PHE B 17 -10.08 -1.19 15.35
CA PHE B 17 -10.73 -0.46 16.44
C PHE B 17 -10.29 -1.06 17.79
N GLY B 18 -9.75 -0.20 18.65
CA GLY B 18 -9.30 -0.66 19.95
C GLY B 18 -10.45 -0.75 20.94
N THR B 19 -10.47 -1.82 21.73
CA THR B 19 -11.57 -2.01 22.67
C THR B 19 -11.21 -1.77 24.14
N ALA B 20 -10.04 -1.19 24.38
CA ALA B 20 -9.64 -0.87 25.74
C ALA B 20 -10.39 0.42 26.05
N LEU B 21 -10.97 0.51 27.25
CA LEU B 21 -11.72 1.70 27.62
C LEU B 21 -11.20 2.34 28.90
N PRO B 22 -11.33 3.67 29.02
CA PRO B 22 -10.85 4.36 30.21
C PRO B 22 -11.51 3.74 31.45
N LEU B 23 -10.79 3.70 32.55
CA LEU B 23 -11.31 3.13 33.79
C LEU B 23 -12.66 3.72 34.16
N GLU B 24 -12.87 4.98 33.82
CA GLU B 24 -14.11 5.69 34.13
C GLU B 24 -15.31 5.24 33.29
N CYS B 25 -15.09 4.29 32.38
CA CYS B 25 -16.17 3.80 31.53
C CYS B 25 -16.66 2.42 31.96
N PRO B 26 -17.98 2.18 31.91
CA PRO B 26 -18.49 0.87 32.30
C PRO B 26 -18.09 -0.16 31.24
N ALA B 27 -17.65 -1.33 31.69
CA ALA B 27 -17.21 -2.38 30.78
C ALA B 27 -18.19 -2.61 29.61
N SER B 28 -19.49 -2.65 29.93
CA SER B 28 -20.52 -2.88 28.92
C SER B 28 -20.47 -1.88 27.76
N LYS B 29 -19.81 -0.75 27.99
CA LYS B 29 -19.68 0.29 26.98
C LYS B 29 -19.01 -0.29 25.73
N ALA B 30 -18.11 -1.25 25.93
CA ALA B 30 -17.39 -1.88 24.84
C ALA B 30 -18.33 -2.54 23.84
N LYS B 31 -19.45 -3.09 24.32
CA LYS B 31 -20.39 -3.75 23.42
C LYS B 31 -21.01 -2.79 22.42
N GLU B 32 -21.48 -1.65 22.90
CA GLU B 32 -22.11 -0.66 22.02
C GLU B 32 -21.11 -0.01 21.06
N LEU B 33 -19.91 0.28 21.54
CA LEU B 33 -18.90 0.90 20.68
C LEU B 33 -18.50 -0.05 19.57
N THR B 34 -18.45 -1.35 19.88
CA THR B 34 -18.09 -2.34 18.88
C THR B 34 -19.15 -2.43 17.80
N LYS B 35 -20.42 -2.36 18.19
CA LYS B 35 -21.52 -2.41 17.23
C LYS B 35 -21.47 -1.21 16.29
N ILE B 36 -21.22 -0.04 16.85
CA ILE B 36 -21.13 1.19 16.07
C ILE B 36 -19.95 1.09 15.10
N ALA B 37 -18.83 0.59 15.59
CA ALA B 37 -17.63 0.45 14.77
C ALA B 37 -17.88 -0.51 13.61
N ILE B 38 -18.58 -1.61 13.87
CA ILE B 38 -18.90 -2.56 12.81
C ILE B 38 -19.78 -1.87 11.76
N ASP B 39 -20.80 -1.15 12.21
CA ASP B 39 -21.68 -0.47 11.26
C ASP B 39 -20.93 0.59 10.47
N ALA B 40 -19.87 1.13 11.06
CA ALA B 40 -19.07 2.16 10.39
C ALA B 40 -18.13 1.54 9.36
N GLY B 41 -17.99 0.22 9.40
CA GLY B 41 -17.12 -0.44 8.45
C GLY B 41 -15.84 -1.04 9.00
N PHE B 42 -15.72 -1.10 10.33
CA PHE B 42 -14.52 -1.69 10.94
C PHE B 42 -14.63 -3.21 10.96
N HIS B 43 -13.52 -3.88 10.65
CA HIS B 43 -13.47 -5.34 10.62
C HIS B 43 -12.38 -5.87 11.55
N HIS B 44 -11.46 -4.99 11.91
CA HIS B 44 -10.35 -5.35 12.78
C HIS B 44 -10.63 -4.81 14.19
N PHE B 45 -10.61 -5.70 15.17
CA PHE B 45 -10.83 -5.30 16.55
C PHE B 45 -9.71 -5.80 17.44
N ASP B 46 -9.17 -4.88 18.24
CA ASP B 46 -8.06 -5.21 19.13
C ASP B 46 -8.50 -5.26 20.58
N SER B 47 -8.22 -6.38 21.24
CA SER B 47 -8.59 -6.55 22.64
C SER B 47 -7.46 -7.26 23.40
N ALA B 48 -7.72 -7.60 24.65
CA ALA B 48 -6.74 -8.27 25.49
C ALA B 48 -7.46 -8.82 26.72
N SER B 49 -6.87 -9.83 27.36
CA SER B 49 -7.50 -10.42 28.54
C SER B 49 -7.56 -9.42 29.70
N VAL B 50 -6.55 -8.57 29.79
CA VAL B 50 -6.49 -7.58 30.87
C VAL B 50 -7.51 -6.44 30.75
N TYR B 51 -8.08 -6.25 29.57
CA TYR B 51 -9.05 -5.17 29.35
C TYR B 51 -10.41 -5.42 30.02
N ASN B 52 -10.71 -6.69 30.30
CA ASN B 52 -11.98 -7.05 30.91
C ASN B 52 -13.16 -6.59 30.07
N THR B 53 -12.98 -6.57 28.75
CA THR B 53 -14.05 -6.15 27.85
C THR B 53 -14.33 -7.21 26.78
N GLU B 54 -13.52 -8.27 26.78
CA GLU B 54 -13.67 -9.33 25.79
C GLU B 54 -15.07 -9.94 25.69
N ASP B 55 -15.69 -10.22 26.83
CA ASP B 55 -17.02 -10.82 26.79
C ASP B 55 -18.02 -9.88 26.11
N HIS B 56 -17.93 -8.59 26.42
CA HIS B 56 -18.83 -7.60 25.83
C HIS B 56 -18.56 -7.42 24.34
N VAL B 57 -17.29 -7.40 23.96
CA VAL B 57 -16.91 -7.26 22.55
C VAL B 57 -17.40 -8.48 21.78
N GLY B 58 -17.22 -9.65 22.37
CA GLY B 58 -17.66 -10.88 21.72
C GLY B 58 -19.15 -10.90 21.50
N GLU B 59 -19.90 -10.33 22.44
CA GLU B 59 -21.35 -10.28 22.34
C GLU B 59 -21.79 -9.41 21.17
N ALA B 60 -21.12 -8.27 20.98
CA ALA B 60 -21.44 -7.37 19.88
C ALA B 60 -21.14 -8.03 18.53
N ILE B 61 -19.97 -8.66 18.43
CA ILE B 61 -19.58 -9.32 17.19
C ILE B 61 -20.53 -10.47 16.88
N ARG B 62 -20.80 -11.33 17.86
CA ARG B 62 -21.70 -12.45 17.65
C ARG B 62 -23.10 -11.97 17.28
N SER B 63 -23.47 -10.80 17.78
CA SER B 63 -24.78 -10.22 17.49
C SER B 63 -24.85 -9.76 16.04
N LYS B 64 -23.76 -9.18 15.55
CA LYS B 64 -23.68 -8.68 14.18
C LYS B 64 -23.58 -9.79 13.15
N ILE B 65 -23.15 -10.97 13.59
CA ILE B 65 -23.05 -12.12 12.70
C ILE B 65 -24.44 -12.75 12.67
N ALA B 66 -25.07 -12.80 13.84
CA ALA B 66 -26.41 -13.37 13.99
C ALA B 66 -27.44 -12.68 13.10
N ASP B 67 -27.35 -11.36 12.97
CA ASP B 67 -28.29 -10.64 12.12
C ASP B 67 -27.81 -10.49 10.69
N GLY B 68 -26.69 -11.13 10.38
CA GLY B 68 -26.16 -11.08 9.02
C GLY B 68 -25.37 -9.85 8.60
N THR B 69 -25.00 -9.00 9.54
CA THR B 69 -24.23 -7.81 9.18
C THR B 69 -22.85 -8.21 8.67
N VAL B 70 -22.22 -9.16 9.36
CA VAL B 70 -20.89 -9.64 8.98
C VAL B 70 -20.75 -11.12 9.31
N ARG B 71 -19.69 -11.74 8.78
CA ARG B 71 -19.41 -13.14 9.03
C ARG B 71 -18.15 -13.22 9.88
N ARG B 72 -18.00 -14.30 10.65
CA ARG B 72 -16.81 -14.46 11.49
C ARG B 72 -15.53 -14.34 10.66
N GLU B 73 -15.54 -14.91 9.46
CA GLU B 73 -14.37 -14.89 8.59
C GLU B 73 -14.00 -13.49 8.11
N ASP B 74 -14.94 -12.57 8.20
CA ASP B 74 -14.72 -11.18 7.77
C ASP B 74 -14.17 -10.34 8.92
N ILE B 75 -14.23 -10.89 10.13
CA ILE B 75 -13.74 -10.19 11.31
C ILE B 75 -12.35 -10.63 11.71
N PHE B 76 -11.50 -9.66 12.03
CA PHE B 76 -10.14 -9.95 12.47
C PHE B 76 -10.12 -9.52 13.94
N TYR B 77 -10.05 -10.50 14.83
CA TYR B 77 -10.06 -10.24 16.28
C TYR B 77 -8.72 -10.59 16.91
N THR B 78 -8.19 -9.65 17.69
CA THR B 78 -6.91 -9.83 18.36
C THR B 78 -7.05 -9.86 19.89
N SER B 79 -6.34 -10.78 20.52
CA SER B 79 -6.34 -10.87 21.97
C SER B 79 -4.87 -10.91 22.39
N LYS B 80 -4.61 -10.80 23.69
CA LYS B 80 -3.24 -10.81 24.18
C LYS B 80 -3.15 -11.52 25.53
N VAL B 81 -2.10 -12.31 25.73
CA VAL B 81 -1.92 -13.02 27.00
C VAL B 81 -1.18 -12.08 27.95
N TRP B 82 -1.75 -11.90 29.14
CA TRP B 82 -1.17 -11.00 30.14
C TRP B 82 0.07 -11.56 30.86
N CYS B 83 0.85 -10.64 31.42
CA CYS B 83 2.08 -10.96 32.14
C CYS B 83 1.99 -12.11 33.14
N THR B 84 0.83 -12.27 33.77
CA THR B 84 0.66 -13.33 34.76
C THR B 84 0.49 -14.73 34.19
N SER B 85 0.32 -14.84 32.88
CA SER B 85 0.17 -16.14 32.23
C SER B 85 1.23 -16.39 31.17
N LEU B 86 2.40 -15.78 31.33
CA LEU B 86 3.47 -15.98 30.36
C LEU B 86 4.16 -17.33 30.54
N HIS B 87 4.05 -17.91 31.74
CA HIS B 87 4.64 -19.22 31.97
C HIS B 87 4.13 -20.13 30.85
N PRO B 88 5.04 -20.85 30.16
CA PRO B 88 4.69 -21.74 29.07
C PRO B 88 3.44 -22.58 29.30
N GLU B 89 3.36 -23.18 30.49
CA GLU B 89 2.22 -24.03 30.83
C GLU B 89 0.92 -23.28 31.13
N LEU B 90 0.96 -21.95 31.10
CA LEU B 90 -0.24 -21.15 31.40
C LEU B 90 -0.77 -20.36 30.21
N VAL B 91 -0.01 -20.34 29.12
CA VAL B 91 -0.41 -19.59 27.93
C VAL B 91 -1.70 -20.08 27.28
N ARG B 92 -1.77 -21.36 26.91
CA ARG B 92 -2.97 -21.88 26.26
C ARG B 92 -4.20 -21.76 27.15
N ALA B 93 -4.03 -22.01 28.44
CA ALA B 93 -5.15 -21.93 29.37
C ALA B 93 -5.76 -20.54 29.33
N SER B 94 -4.92 -19.53 29.17
CA SER B 94 -5.39 -18.14 29.12
C SER B 94 -6.17 -17.87 27.84
N LEU B 95 -5.69 -18.40 26.72
CA LEU B 95 -6.35 -18.21 25.45
C LEU B 95 -7.71 -18.91 25.43
N GLU B 96 -7.76 -20.11 26.01
CA GLU B 96 -9.00 -20.86 26.06
C GLU B 96 -10.04 -20.13 26.91
N ARG B 97 -9.57 -19.47 27.97
CA ARG B 97 -10.49 -18.72 28.82
C ARG B 97 -11.08 -17.55 28.05
N SER B 98 -10.25 -16.87 27.25
CA SER B 98 -10.72 -15.74 26.46
C SER B 98 -11.74 -16.24 25.44
N LEU B 99 -11.44 -17.35 24.78
CA LEU B 99 -12.33 -17.93 23.78
C LEU B 99 -13.68 -18.23 24.42
N GLN B 100 -13.64 -18.69 25.67
CA GLN B 100 -14.85 -19.02 26.41
C GLN B 100 -15.68 -17.75 26.63
N LYS B 101 -15.01 -16.65 26.95
CA LYS B 101 -15.68 -15.38 27.18
C LYS B 101 -16.30 -14.83 25.90
N LEU B 102 -15.58 -15.01 24.80
CA LEU B 102 -16.02 -14.51 23.49
C LEU B 102 -17.05 -15.42 22.82
N GLN B 103 -17.04 -16.70 23.16
CA GLN B 103 -17.93 -17.68 22.55
C GLN B 103 -17.39 -17.92 21.14
N PHE B 104 -16.08 -17.75 21.00
CA PHE B 104 -15.39 -17.93 19.73
C PHE B 104 -14.67 -19.27 19.74
N ASP B 105 -14.38 -19.80 18.55
CA ASP B 105 -13.65 -21.05 18.42
C ASP B 105 -12.19 -20.72 18.22
N TYR B 106 -11.93 -19.48 17.78
CA TYR B 106 -10.56 -19.04 17.51
C TYR B 106 -10.45 -17.53 17.42
N VAL B 107 -9.25 -17.01 17.64
CA VAL B 107 -9.00 -15.58 17.51
C VAL B 107 -8.07 -15.47 16.30
N ASP B 108 -8.08 -14.35 15.62
CA ASP B 108 -7.24 -14.19 14.44
C ASP B 108 -5.78 -13.92 14.77
N LEU B 109 -5.55 -13.30 15.92
CA LEU B 109 -4.20 -12.96 16.33
C LEU B 109 -4.10 -12.98 17.85
N TYR B 110 -2.98 -13.52 18.35
CA TYR B 110 -2.74 -13.60 19.78
C TYR B 110 -1.34 -13.09 20.05
N LEU B 111 -1.23 -12.09 20.94
CA LEU B 111 0.06 -11.47 21.25
C LEU B 111 0.50 -11.61 22.70
N ILE B 112 1.80 -11.53 22.91
CA ILE B 112 2.38 -11.53 24.25
C ILE B 112 2.25 -10.03 24.52
N HIS B 113 1.45 -9.66 25.51
CA HIS B 113 1.20 -8.24 25.81
C HIS B 113 2.45 -7.42 26.15
N TYR B 114 3.30 -7.97 26.99
CA TYR B 114 4.55 -7.33 27.40
C TYR B 114 5.56 -8.45 27.58
N PRO B 115 6.85 -8.16 27.36
CA PRO B 115 7.89 -9.18 27.52
C PRO B 115 8.30 -9.29 28.99
N MET B 116 7.37 -9.03 29.89
CA MET B 116 7.64 -9.06 31.32
C MET B 116 6.66 -9.90 32.13
N ALA B 117 7.12 -11.02 32.65
CA ALA B 117 6.26 -11.90 33.44
C ALA B 117 6.03 -11.37 34.86
N LEU B 118 4.86 -11.68 35.40
CA LEU B 118 4.49 -11.29 36.76
C LEU B 118 4.00 -12.54 37.47
N LYS B 119 4.06 -12.54 38.80
CA LYS B 119 3.62 -13.70 39.59
C LYS B 119 2.25 -14.23 39.16
N PRO B 120 2.18 -15.52 38.81
CA PRO B 120 0.92 -16.15 38.38
C PRO B 120 -0.16 -16.01 39.45
N GLY B 121 -1.40 -15.85 39.01
CA GLY B 121 -2.51 -15.71 39.93
C GLY B 121 -3.67 -14.99 39.27
N GLU B 122 -4.83 -14.99 39.92
CA GLU B 122 -6.01 -14.32 39.38
C GLU B 122 -5.78 -12.82 39.24
N GLU B 123 -5.08 -12.24 40.22
CA GLU B 123 -4.78 -10.82 40.21
C GLU B 123 -3.86 -10.48 39.04
N ASN B 124 -4.25 -9.49 38.25
CA ASN B 124 -3.44 -9.06 37.11
C ASN B 124 -2.27 -8.20 37.53
N PHE B 125 -2.37 -7.54 38.68
CA PHE B 125 -1.30 -6.69 39.16
C PHE B 125 -0.89 -7.01 40.59
N PRO B 126 -0.26 -8.18 40.79
CA PRO B 126 0.17 -8.59 42.13
C PRO B 126 1.25 -7.66 42.65
N VAL B 127 1.08 -7.18 43.88
CA VAL B 127 2.04 -6.28 44.50
C VAL B 127 2.32 -6.69 45.93
N ASP B 128 3.46 -6.24 46.45
CA ASP B 128 3.84 -6.54 47.83
C ASP B 128 3.35 -5.42 48.73
N GLU B 129 3.85 -5.37 49.96
CA GLU B 129 3.45 -4.35 50.94
C GLU B 129 3.82 -2.94 50.51
N HIS B 130 4.84 -2.81 49.66
CA HIS B 130 5.26 -1.49 49.20
C HIS B 130 4.50 -1.06 47.95
N GLY B 131 3.57 -1.90 47.53
CA GLY B 131 2.79 -1.61 46.34
C GLY B 131 3.56 -1.83 45.06
N LYS B 132 4.68 -2.55 45.15
CA LYS B 132 5.50 -2.83 43.98
C LYS B 132 5.08 -4.15 43.33
N LEU B 133 5.02 -4.15 42.00
CA LEU B 133 4.64 -5.37 41.28
C LEU B 133 5.59 -6.51 41.60
N ILE B 134 5.05 -7.72 41.71
CA ILE B 134 5.87 -8.88 42.00
C ILE B 134 6.28 -9.50 40.68
N PHE B 135 7.55 -9.29 40.30
CA PHE B 135 8.06 -9.83 39.06
C PHE B 135 8.31 -11.33 39.16
N ASP B 136 8.32 -12.00 38.01
CA ASP B 136 8.59 -13.42 37.97
C ASP B 136 9.53 -13.66 36.80
N ARG B 137 10.33 -14.70 36.88
CA ARG B 137 11.28 -14.99 35.81
C ARG B 137 10.69 -16.04 34.89
N VAL B 138 10.71 -15.75 33.59
CA VAL B 138 10.18 -16.66 32.58
C VAL B 138 11.02 -16.58 31.31
N ASP B 139 11.19 -17.71 30.65
CA ASP B 139 11.95 -17.76 29.40
C ASP B 139 10.97 -17.41 28.29
N LEU B 140 11.11 -16.20 27.73
CA LEU B 140 10.22 -15.74 26.68
C LEU B 140 10.24 -16.64 25.45
N CYS B 141 11.37 -17.30 25.20
CA CYS B 141 11.47 -18.19 24.06
C CYS B 141 10.55 -19.39 24.29
N ALA B 142 10.44 -19.81 25.54
CA ALA B 142 9.58 -20.93 25.90
C ALA B 142 8.14 -20.44 25.80
N THR B 143 7.91 -19.20 26.19
CA THR B 143 6.57 -18.62 26.11
C THR B 143 6.16 -18.65 24.64
N TRP B 144 7.09 -18.29 23.77
CA TRP B 144 6.82 -18.26 22.34
C TRP B 144 6.47 -19.65 21.82
N GLU B 145 7.21 -20.66 22.27
CA GLU B 145 6.95 -22.03 21.83
C GLU B 145 5.50 -22.37 22.15
N ALA B 146 5.03 -21.89 23.30
CA ALA B 146 3.65 -22.14 23.74
C ALA B 146 2.67 -21.41 22.81
N MET B 147 3.07 -20.25 22.31
CA MET B 147 2.24 -19.47 21.40
C MET B 147 2.10 -20.22 20.08
N GLU B 148 3.21 -20.80 19.63
CA GLU B 148 3.23 -21.56 18.38
C GLU B 148 2.28 -22.75 18.49
N LYS B 149 2.29 -23.42 19.64
CA LYS B 149 1.42 -24.56 19.86
C LYS B 149 -0.03 -24.13 19.78
N CYS B 150 -0.33 -22.93 20.26
CA CYS B 150 -1.69 -22.42 20.20
C CYS B 150 -2.11 -22.24 18.75
N LYS B 151 -1.17 -21.82 17.92
CA LYS B 151 -1.43 -21.64 16.50
C LYS B 151 -1.66 -23.00 15.85
N ASP B 152 -0.80 -23.97 16.15
CA ASP B 152 -0.94 -25.31 15.58
C ASP B 152 -2.21 -25.98 16.08
N ALA B 153 -2.66 -25.58 17.27
CA ALA B 153 -3.87 -26.15 17.84
C ALA B 153 -5.10 -25.52 17.22
N GLY B 154 -4.90 -24.47 16.43
CA GLY B 154 -6.02 -23.82 15.77
C GLY B 154 -6.77 -22.83 16.64
N LEU B 155 -6.25 -22.55 17.84
CA LEU B 155 -6.90 -21.61 18.75
C LEU B 155 -6.68 -20.18 18.28
N THR B 156 -5.63 -19.96 17.49
CA THR B 156 -5.33 -18.64 16.95
C THR B 156 -4.71 -18.84 15.56
N LYS B 157 -5.10 -17.99 14.62
CA LYS B 157 -4.57 -18.10 13.26
C LYS B 157 -3.14 -17.58 13.15
N SER B 158 -2.87 -16.46 13.80
CA SER B 158 -1.53 -15.87 13.78
C SER B 158 -1.08 -15.50 15.19
N ILE B 159 0.23 -15.36 15.37
CA ILE B 159 0.78 -14.99 16.67
C ILE B 159 1.80 -13.88 16.51
N GLY B 160 1.84 -13.01 17.50
CA GLY B 160 2.77 -11.89 17.47
C GLY B 160 3.14 -11.45 18.87
N VAL B 161 3.71 -10.26 18.98
CA VAL B 161 4.11 -9.72 20.27
C VAL B 161 3.68 -8.26 20.37
N SER B 162 3.82 -7.70 21.57
CA SER B 162 3.47 -6.31 21.80
C SER B 162 4.46 -5.72 22.79
N ASN B 163 4.84 -4.47 22.57
CA ASN B 163 5.78 -3.79 23.45
C ASN B 163 7.17 -4.42 23.55
N PHE B 164 7.64 -5.02 22.45
CA PHE B 164 8.97 -5.63 22.39
C PHE B 164 9.94 -4.66 21.71
N ASN B 165 11.18 -4.57 22.19
CA ASN B 165 12.15 -3.71 21.51
C ASN B 165 12.84 -4.63 20.49
N TYR B 166 13.55 -4.07 19.52
CA TYR B 166 14.17 -4.90 18.51
C TYR B 166 15.13 -5.96 19.04
N ARG B 167 15.76 -5.69 20.19
CA ARG B 167 16.66 -6.68 20.77
C ARG B 167 15.89 -7.91 21.19
N GLN B 168 14.70 -7.70 21.75
CA GLN B 168 13.86 -8.81 22.19
C GLN B 168 13.29 -9.55 20.99
N LEU B 169 13.02 -8.82 19.91
CA LEU B 169 12.50 -9.46 18.70
C LEU B 169 13.57 -10.38 18.11
N GLU B 170 14.81 -9.91 18.08
CA GLU B 170 15.91 -10.70 17.54
C GLU B 170 16.09 -12.00 18.32
N MET B 171 15.91 -11.94 19.64
CA MET B 171 16.05 -13.12 20.47
C MET B 171 15.09 -14.20 19.96
N ILE B 172 13.85 -13.80 19.71
CA ILE B 172 12.83 -14.72 19.21
C ILE B 172 13.14 -15.18 17.79
N LEU B 173 13.48 -14.24 16.92
CA LEU B 173 13.79 -14.55 15.52
C LEU B 173 14.98 -15.49 15.37
N ASN B 174 15.93 -15.44 16.31
CA ASN B 174 17.12 -16.29 16.25
C ASN B 174 16.99 -17.56 17.08
N LYS B 175 15.82 -17.75 17.68
CA LYS B 175 15.55 -18.91 18.51
C LYS B 175 15.77 -20.24 17.79
N PRO B 176 16.50 -21.17 18.43
CA PRO B 176 16.75 -22.48 17.82
C PRO B 176 15.43 -23.21 17.61
N GLY B 177 15.24 -23.78 16.43
CA GLY B 177 14.03 -24.52 16.15
C GLY B 177 12.78 -23.65 15.99
N LEU B 178 12.97 -22.36 15.75
CA LEU B 178 11.83 -21.46 15.57
C LEU B 178 10.89 -22.01 14.51
N LYS B 179 9.59 -21.98 14.80
CA LYS B 179 8.61 -22.49 13.84
C LYS B 179 7.83 -21.38 13.15
N TYR B 180 7.40 -20.38 13.91
CA TYR B 180 6.64 -19.26 13.34
C TYR B 180 7.19 -17.94 13.86
N LYS B 181 7.48 -17.03 12.93
CA LYS B 181 8.00 -15.71 13.31
C LYS B 181 6.81 -14.87 13.78
N PRO B 182 7.07 -13.88 14.64
CA PRO B 182 5.95 -13.06 15.11
C PRO B 182 5.45 -12.33 13.87
N VAL B 183 4.13 -12.22 13.69
CA VAL B 183 3.62 -11.52 12.52
C VAL B 183 3.59 -10.01 12.72
N CYS B 184 3.66 -9.58 13.98
CA CYS B 184 3.62 -8.16 14.29
C CYS B 184 4.22 -7.84 15.65
N ASN B 185 4.38 -6.54 15.88
CA ASN B 185 4.87 -6.02 17.16
C ASN B 185 4.01 -4.78 17.37
N GLN B 186 3.02 -4.90 18.24
CA GLN B 186 2.13 -3.78 18.52
C GLN B 186 2.77 -2.86 19.56
N VAL B 187 3.09 -1.64 19.14
CA VAL B 187 3.73 -0.68 20.02
C VAL B 187 3.14 0.72 19.86
N GLU B 188 3.52 1.61 20.77
CA GLU B 188 3.04 2.99 20.74
C GLU B 188 3.74 3.72 19.60
N CYS B 189 2.97 4.43 18.77
CA CYS B 189 3.58 5.17 17.67
C CYS B 189 2.72 6.33 17.23
N HIS B 190 3.33 7.51 17.15
CA HIS B 190 2.67 8.76 16.78
C HIS B 190 3.76 9.78 16.40
N PRO B 191 3.35 10.97 15.91
CA PRO B 191 4.35 11.98 15.54
C PRO B 191 5.37 12.38 16.61
N TYR B 192 5.01 12.24 17.89
CA TYR B 192 5.94 12.59 18.96
C TYR B 192 6.91 11.45 19.27
N LEU B 193 6.60 10.26 18.76
CA LEU B 193 7.42 9.07 18.96
C LEU B 193 7.19 8.22 17.73
N ASN B 194 7.79 8.61 16.61
CA ASN B 194 7.56 7.91 15.35
C ASN B 194 8.22 6.54 15.12
N GLN B 195 8.95 6.05 16.12
CA GLN B 195 9.57 4.71 16.03
C GLN B 195 10.24 4.38 14.69
N MET B 196 10.84 5.37 14.02
CA MET B 196 11.48 5.13 12.73
C MET B 196 12.43 3.92 12.73
N LYS B 197 13.25 3.81 13.77
CA LYS B 197 14.23 2.74 13.89
C LYS B 197 13.57 1.36 14.03
N LEU B 198 12.64 1.25 14.95
CA LEU B 198 11.95 -0.02 15.17
C LEU B 198 11.10 -0.39 13.96
N LEU B 199 10.52 0.62 13.30
CA LEU B 199 9.69 0.38 12.12
C LEU B 199 10.54 -0.23 11.01
N ASP B 200 11.69 0.37 10.75
CA ASP B 200 12.57 -0.14 9.71
C ASP B 200 13.04 -1.55 10.04
N PHE B 201 13.27 -1.82 11.33
CA PHE B 201 13.69 -3.16 11.74
C PHE B 201 12.59 -4.18 11.42
N CYS B 202 11.38 -3.88 11.88
CA CYS B 202 10.25 -4.77 11.65
C CYS B 202 10.04 -5.05 10.15
N LYS B 203 10.11 -4.00 9.34
CA LYS B 203 9.94 -4.17 7.90
C LYS B 203 10.99 -5.13 7.34
N SER B 204 12.24 -4.98 7.77
CA SER B 204 13.32 -5.84 7.29
C SER B 204 13.11 -7.30 7.67
N LYS B 205 12.30 -7.55 8.70
CA LYS B 205 12.06 -8.92 9.14
C LYS B 205 10.66 -9.41 8.78
N ASP B 206 9.95 -8.64 7.96
CA ASP B 206 8.59 -9.00 7.56
C ASP B 206 7.65 -9.01 8.76
N ILE B 207 7.91 -8.13 9.71
CA ILE B 207 7.06 -8.00 10.90
C ILE B 207 6.28 -6.71 10.74
N VAL B 208 4.97 -6.78 10.92
CA VAL B 208 4.13 -5.60 10.80
C VAL B 208 4.10 -4.82 12.11
N LEU B 209 4.32 -3.51 12.04
CA LEU B 209 4.25 -2.69 13.24
C LEU B 209 2.81 -2.22 13.36
N VAL B 210 2.16 -2.61 14.45
CA VAL B 210 0.78 -2.21 14.71
C VAL B 210 0.88 -1.14 15.77
N ALA B 211 0.35 0.04 15.47
CA ALA B 211 0.44 1.16 16.40
C ALA B 211 -0.79 1.49 17.22
N TYR B 212 -0.54 1.83 18.48
CA TYR B 212 -1.58 2.29 19.37
C TYR B 212 -1.05 3.66 19.79
N GLY B 213 -1.86 4.46 20.45
CA GLY B 213 -1.43 5.79 20.83
C GLY B 213 -1.30 6.67 19.60
N VAL B 214 -1.87 6.20 18.48
CA VAL B 214 -1.81 6.93 17.22
C VAL B 214 -2.41 8.33 17.36
N LEU B 215 -3.33 8.49 18.31
CA LEU B 215 -3.96 9.79 18.54
C LEU B 215 -3.57 10.37 19.92
N GLY B 216 -2.48 9.85 20.49
CA GLY B 216 -2.00 10.33 21.77
C GLY B 216 -2.40 9.52 22.99
N THR B 217 -3.14 8.43 22.76
CA THR B 217 -3.64 7.52 23.80
C THR B 217 -4.83 8.14 24.52
N GLN B 218 -5.61 7.30 25.19
CA GLN B 218 -6.76 7.79 25.93
C GLN B 218 -6.30 8.40 27.26
N ARG B 219 -4.99 8.46 27.44
CA ARG B 219 -4.36 9.02 28.63
C ARG B 219 -4.86 8.44 29.94
N TYR B 220 -4.83 7.11 30.04
CA TYR B 220 -5.29 6.39 31.22
C TYR B 220 -4.61 6.83 32.52
N GLY B 221 -5.41 6.99 33.57
CA GLY B 221 -4.86 7.39 34.85
C GLY B 221 -4.05 6.25 35.43
N GLY B 222 -2.86 6.57 35.96
CA GLY B 222 -2.01 5.55 36.54
C GLY B 222 -1.05 4.97 35.52
N TRP B 223 -1.20 5.38 34.26
CA TRP B 223 -0.34 4.89 33.19
C TRP B 223 0.29 6.00 32.36
N VAL B 224 -0.43 7.11 32.22
CA VAL B 224 0.05 8.24 31.45
C VAL B 224 0.20 9.52 32.27
N ASP B 225 1.29 10.24 32.03
CA ASP B 225 1.54 11.51 32.72
C ASP B 225 0.42 12.45 32.30
N GLN B 226 -0.44 12.81 33.25
CA GLN B 226 -1.55 13.70 32.95
C GLN B 226 -1.12 15.10 32.53
N ASN B 227 0.14 15.44 32.79
CA ASN B 227 0.65 16.74 32.42
C ASN B 227 1.36 16.74 31.07
N SER B 228 1.44 15.56 30.45
CA SER B 228 2.08 15.45 29.15
C SER B 228 1.21 16.20 28.14
N PRO B 229 1.83 16.74 27.08
CA PRO B 229 1.04 17.47 26.08
C PRO B 229 0.04 16.55 25.38
N VAL B 230 -1.09 17.11 24.97
CA VAL B 230 -2.12 16.35 24.29
C VAL B 230 -1.74 16.35 22.80
N LEU B 231 -1.47 15.18 22.25
CA LEU B 231 -1.05 15.08 20.85
C LEU B 231 -1.87 15.86 19.84
N LEU B 232 -3.19 15.65 19.81
CA LEU B 232 -4.03 16.34 18.84
C LEU B 232 -4.09 17.85 18.98
N ASP B 233 -3.47 18.39 20.02
CA ASP B 233 -3.45 19.84 20.22
C ASP B 233 -2.19 20.43 19.59
N GLU B 234 -1.37 19.57 18.98
CA GLU B 234 -0.14 20.02 18.32
C GLU B 234 -0.50 20.98 17.20
N PRO B 235 0.07 22.20 17.23
CA PRO B 235 -0.18 23.23 16.22
C PRO B 235 0.04 22.75 14.79
N VAL B 236 1.12 22.01 14.57
CA VAL B 236 1.44 21.50 13.24
C VAL B 236 0.34 20.62 12.67
N LEU B 237 -0.29 19.82 13.52
CA LEU B 237 -1.38 18.95 13.06
C LEU B 237 -2.57 19.82 12.74
N GLY B 238 -2.80 20.85 13.56
CA GLY B 238 -3.92 21.73 13.33
C GLY B 238 -3.81 22.44 12.00
N SER B 239 -2.61 22.96 11.73
CA SER B 239 -2.35 23.67 10.49
C SER B 239 -2.48 22.75 9.27
N MET B 240 -1.90 21.57 9.35
CA MET B 240 -1.98 20.63 8.24
C MET B 240 -3.42 20.20 8.00
N ALA B 241 -4.18 20.05 9.07
CA ALA B 241 -5.58 19.65 8.96
C ALA B 241 -6.34 20.66 8.13
N LYS B 242 -6.09 21.94 8.38
CA LYS B 242 -6.75 23.01 7.63
C LYS B 242 -6.28 22.98 6.18
N LYS B 243 -4.99 22.78 5.98
CA LYS B 243 -4.44 22.73 4.62
C LYS B 243 -5.15 21.67 3.78
N TYR B 244 -5.35 20.49 4.34
CA TYR B 244 -6.00 19.40 3.61
C TYR B 244 -7.51 19.33 3.80
N ASN B 245 -8.05 20.23 4.61
CA ASN B 245 -9.49 20.25 4.88
C ASN B 245 -9.95 18.94 5.52
N ARG B 246 -9.16 18.48 6.49
CA ARG B 246 -9.48 17.26 7.23
C ARG B 246 -9.40 17.63 8.71
N THR B 247 -9.20 16.66 9.58
CA THR B 247 -9.11 16.95 11.02
C THR B 247 -7.74 16.56 11.55
N PRO B 248 -7.34 17.09 12.72
CA PRO B 248 -6.02 16.71 13.23
C PRO B 248 -5.91 15.20 13.36
N ALA B 249 -6.99 14.56 13.81
CA ALA B 249 -7.01 13.11 13.97
C ALA B 249 -6.74 12.41 12.64
N LEU B 250 -7.44 12.84 11.59
CA LEU B 250 -7.26 12.23 10.28
C LEU B 250 -5.82 12.38 9.77
N ILE B 251 -5.19 13.52 10.08
CA ILE B 251 -3.82 13.76 9.67
C ILE B 251 -2.90 12.75 10.38
N ALA B 252 -3.11 12.56 11.67
CA ALA B 252 -2.30 11.62 12.46
C ALA B 252 -2.48 10.17 12.01
N LEU B 253 -3.71 9.82 11.63
CA LEU B 253 -4.00 8.46 11.17
C LEU B 253 -3.35 8.20 9.81
N ARG B 254 -3.55 9.13 8.88
CA ARG B 254 -3.00 9.00 7.52
C ARG B 254 -1.48 8.95 7.54
N TYR B 255 -0.88 9.72 8.44
CA TYR B 255 0.57 9.74 8.56
C TYR B 255 1.11 8.32 8.71
N GLN B 256 0.52 7.56 9.63
CA GLN B 256 0.96 6.19 9.90
C GLN B 256 0.64 5.22 8.76
N LEU B 257 -0.56 5.31 8.20
CA LEU B 257 -0.92 4.41 7.11
C LEU B 257 0.06 4.53 5.94
N GLN B 258 0.53 5.76 5.68
CA GLN B 258 1.46 5.98 4.59
C GLN B 258 2.87 5.51 4.88
N ARG B 259 3.12 5.11 6.13
CA ARG B 259 4.43 4.62 6.52
C ARG B 259 4.42 3.08 6.58
N GLY B 260 3.31 2.49 6.15
CA GLY B 260 3.19 1.04 6.15
C GLY B 260 2.78 0.46 7.50
N ILE B 261 2.27 1.31 8.37
CA ILE B 261 1.84 0.88 9.69
C ILE B 261 0.36 0.55 9.76
N VAL B 262 0.03 -0.49 10.52
CA VAL B 262 -1.36 -0.89 10.73
C VAL B 262 -1.79 -0.07 11.94
N VAL B 263 -2.86 0.71 11.80
CA VAL B 263 -3.29 1.57 12.88
C VAL B 263 -4.52 1.18 13.68
N LEU B 264 -4.44 1.42 14.98
CA LEU B 264 -5.54 1.15 15.89
C LEU B 264 -6.06 2.52 16.30
N ASN B 265 -7.32 2.58 16.73
CA ASN B 265 -7.88 3.84 17.17
C ASN B 265 -9.10 3.55 18.03
N THR B 266 -9.36 4.45 18.97
CA THR B 266 -10.51 4.29 19.84
C THR B 266 -11.13 5.64 20.09
N SER B 267 -12.45 5.67 20.11
CA SER B 267 -13.21 6.88 20.38
C SER B 267 -14.50 6.44 21.04
N LEU B 268 -14.97 7.24 22.00
CA LEU B 268 -16.20 6.93 22.70
C LEU B 268 -17.35 7.63 22.00
N LYS B 269 -17.02 8.41 20.98
CA LYS B 269 -18.01 9.17 20.23
C LYS B 269 -18.30 8.54 18.87
N GLU B 270 -19.59 8.27 18.62
CA GLU B 270 -20.03 7.66 17.38
C GLU B 270 -19.58 8.47 16.15
N GLU B 271 -19.70 9.79 16.24
CA GLU B 271 -19.33 10.66 15.13
C GLU B 271 -17.86 10.53 14.74
N ARG B 272 -17.00 10.32 15.72
CA ARG B 272 -15.56 10.20 15.46
C ARG B 272 -15.17 8.82 14.92
N ILE B 273 -15.94 7.80 15.30
CA ILE B 273 -15.69 6.45 14.83
C ILE B 273 -15.88 6.46 13.31
N LYS B 274 -16.98 7.07 12.89
CA LYS B 274 -17.30 7.18 11.47
C LYS B 274 -16.25 8.02 10.74
N GLU B 275 -15.87 9.13 11.36
CA GLU B 275 -14.89 10.04 10.77
C GLU B 275 -13.55 9.38 10.48
N ASN B 276 -13.03 8.62 11.45
CA ASN B 276 -11.76 7.94 11.29
C ASN B 276 -11.68 7.05 10.05
N MET B 277 -12.83 6.54 9.60
CA MET B 277 -12.87 5.70 8.40
C MET B 277 -12.53 6.51 7.15
N GLN B 278 -12.62 7.83 7.26
CA GLN B 278 -12.33 8.71 6.14
C GLN B 278 -10.82 8.83 5.87
N VAL B 279 -10.01 8.11 6.65
CA VAL B 279 -8.56 8.17 6.48
C VAL B 279 -8.14 7.65 5.10
N PHE B 280 -8.99 6.82 4.50
CA PHE B 280 -8.70 6.26 3.18
C PHE B 280 -9.07 7.19 2.02
N GLU B 281 -9.58 8.38 2.30
CA GLU B 281 -10.00 9.29 1.23
C GLU B 281 -8.98 10.29 0.70
N PHE B 282 -7.87 10.49 1.43
CA PHE B 282 -6.89 11.46 0.97
C PHE B 282 -5.44 11.01 1.14
N GLN B 283 -4.54 11.79 0.54
CA GLN B 283 -3.11 11.50 0.55
C GLN B 283 -2.28 12.69 1.04
N LEU B 284 -1.33 12.43 1.93
CA LEU B 284 -0.47 13.48 2.44
C LEU B 284 0.75 13.56 1.52
N SER B 285 1.10 14.77 1.09
CA SER B 285 2.24 14.94 0.20
C SER B 285 3.51 14.44 0.87
N SER B 286 4.49 14.06 0.06
CA SER B 286 5.76 13.59 0.56
C SER B 286 6.43 14.65 1.42
N GLU B 287 6.28 15.92 1.04
CA GLU B 287 6.87 17.02 1.79
C GLU B 287 6.24 17.20 3.16
N ASP B 288 4.92 17.03 3.24
CA ASP B 288 4.25 17.19 4.53
C ASP B 288 4.53 15.99 5.44
N MET B 289 4.82 14.84 4.85
CA MET B 289 5.16 13.66 5.63
C MET B 289 6.47 13.97 6.35
N LYS B 290 7.37 14.67 5.65
CA LYS B 290 8.65 15.04 6.24
C LYS B 290 8.43 16.03 7.38
N VAL B 291 7.44 16.92 7.22
CA VAL B 291 7.13 17.89 8.26
C VAL B 291 6.70 17.13 9.51
N LEU B 292 5.82 16.15 9.32
CA LEU B 292 5.34 15.35 10.45
C LEU B 292 6.48 14.57 11.07
N ASP B 293 7.44 14.10 10.25
CA ASP B 293 8.59 13.37 10.77
C ASP B 293 9.38 14.26 11.73
N GLY B 294 9.30 15.56 11.49
CA GLY B 294 10.02 16.52 12.32
C GLY B 294 9.45 16.75 13.71
N LEU B 295 8.28 16.21 14.00
CA LEU B 295 7.66 16.39 15.31
C LEU B 295 8.19 15.41 16.34
N ASN B 296 9.01 14.45 15.89
CA ASN B 296 9.57 13.44 16.76
C ASN B 296 10.30 14.07 17.96
N ARG B 297 9.93 13.66 19.16
CA ARG B 297 10.54 14.22 20.36
C ARG B 297 10.65 13.24 21.52
N ASN B 298 10.59 11.95 21.20
CA ASN B 298 10.69 10.89 22.20
C ASN B 298 9.73 11.08 23.38
N MET B 299 8.46 11.33 23.06
CA MET B 299 7.42 11.49 24.07
C MET B 299 6.68 10.16 24.11
N ARG B 300 6.94 9.37 25.15
CA ARG B 300 6.29 8.07 25.31
C ARG B 300 5.18 8.19 26.35
N TYR B 301 3.94 8.21 25.88
CA TYR B 301 2.79 8.33 26.77
C TYR B 301 2.58 7.16 27.73
N ILE B 302 2.87 5.94 27.28
CA ILE B 302 2.70 4.77 28.14
C ILE B 302 4.02 4.04 28.32
N PRO B 303 4.84 4.49 29.29
CA PRO B 303 6.13 3.87 29.54
C PRO B 303 6.08 2.62 30.42
N ALA B 304 4.88 2.20 30.83
CA ALA B 304 4.74 1.04 31.70
C ALA B 304 5.67 1.25 32.89
N ALA B 305 5.63 2.47 33.43
CA ALA B 305 6.49 2.85 34.54
C ALA B 305 6.45 1.93 35.76
N ILE B 306 5.30 1.34 36.06
CA ILE B 306 5.24 0.47 37.23
C ILE B 306 6.06 -0.80 37.01
N PHE B 307 6.52 -0.99 35.78
CA PHE B 307 7.33 -2.16 35.42
C PHE B 307 8.83 -1.88 35.45
N LYS B 308 9.21 -0.63 35.68
CA LYS B 308 10.62 -0.30 35.72
C LYS B 308 11.30 -1.13 36.80
N GLY B 309 12.52 -1.55 36.53
CA GLY B 309 13.24 -2.38 37.47
C GLY B 309 13.18 -3.81 37.00
N HIS B 310 12.11 -4.13 36.25
CA HIS B 310 11.98 -5.48 35.72
C HIS B 310 13.11 -5.71 34.73
N PRO B 311 13.80 -6.85 34.84
CA PRO B 311 14.92 -7.18 33.94
C PRO B 311 14.60 -6.97 32.46
N ASN B 312 13.36 -7.21 32.06
CA ASN B 312 12.97 -7.08 30.65
C ASN B 312 12.24 -5.79 30.25
N TRP B 313 12.29 -4.74 31.08
CA TRP B 313 11.61 -3.48 30.72
C TRP B 313 12.10 -3.15 29.32
N PRO B 314 11.19 -3.11 28.33
CA PRO B 314 11.50 -2.83 26.93
C PRO B 314 11.78 -1.41 26.45
N PHE B 315 11.57 -0.41 27.29
CA PHE B 315 11.74 0.97 26.81
C PHE B 315 13.00 1.78 27.07
N LEU B 316 14.13 1.12 27.27
CA LEU B 316 15.37 1.87 27.48
C LEU B 316 15.64 2.67 26.21
N ASP B 317 16.18 3.88 26.37
CA ASP B 317 16.48 4.71 25.22
C ASP B 317 17.65 4.16 24.43
N GLU B 318 17.75 4.55 23.16
CA GLU B 318 18.83 4.12 22.29
C GLU B 318 20.10 4.88 22.65
N TYR B 319 21.25 4.33 22.29
CA TYR B 319 22.51 4.99 22.55
C TYR B 319 22.63 6.16 21.61
PA NAP C . 4.63 -6.77 -20.76
O1A NAP C . 6.02 -6.62 -20.22
O2A NAP C . 3.48 -6.32 -19.97
O5B NAP C . 4.43 -8.30 -21.19
C5B NAP C . 5.48 -8.97 -21.91
C4B NAP C . 5.04 -10.38 -22.22
O4B NAP C . 4.56 -11.03 -21.03
C3B NAP C . 3.90 -10.57 -23.23
O3B NAP C . 4.47 -10.69 -24.52
C2B NAP C . 3.15 -11.80 -22.68
O2B NAP C . 3.14 -12.89 -23.59
C1B NAP C . 3.87 -12.19 -21.41
N9A NAP C . 3.01 -12.56 -20.27
C8A NAP C . 1.98 -11.81 -19.71
N7A NAP C . 1.40 -12.41 -18.68
C5A NAP C . 2.06 -13.59 -18.58
C6A NAP C . 1.92 -14.79 -17.63
N6A NAP C . 1.01 -14.82 -16.65
N1A NAP C . 2.79 -15.85 -17.83
C2A NAP C . 3.73 -15.82 -18.85
N3A NAP C . 3.93 -14.79 -19.75
C4A NAP C . 3.06 -13.71 -19.56
O3 NAP C . 4.63 -6.04 -22.20
PN NAP C . 4.68 -4.58 -22.75
O1N NAP C . 5.25 -4.58 -24.10
O2N NAP C . 5.43 -3.78 -21.72
O5D NAP C . 3.17 -4.09 -22.81
C5D NAP C . 2.35 -3.78 -21.67
C4D NAP C . 1.65 -2.46 -21.87
O4D NAP C . 2.55 -1.38 -21.55
C3D NAP C . 1.19 -2.13 -23.31
O3D NAP C . 0.05 -2.82 -23.77
C2D NAP C . 1.06 -0.62 -23.25
O2D NAP C . -0.23 -0.31 -22.76
C1D NAP C . 2.23 -0.24 -22.32
N1N NAP C . 3.48 0.21 -23.04
C2N NAP C . 3.77 1.58 -22.95
C3N NAP C . 4.91 2.11 -23.58
C7N NAP C . 5.24 3.59 -23.52
O7N NAP C . 6.24 4.02 -24.10
N7N NAP C . 4.42 4.39 -22.81
C4N NAP C . 5.78 1.21 -24.33
C5N NAP C . 5.49 -0.18 -24.41
C6N NAP C . 4.34 -0.68 -23.77
P2B NAP C . 1.80 -13.61 -24.09
O1X NAP C . 0.94 -12.56 -24.75
O2X NAP C . 2.34 -14.69 -25.01
O3X NAP C . 1.15 -14.18 -22.86
C1 FFA D . 2.36 -1.68 -32.00
C2 FFA D . 1.63 -2.23 -33.25
C3 FFA D . 1.48 -1.22 -34.39
C4 FFA D . 2.40 -0.04 -34.41
C5 FFA D . 3.34 0.20 -33.46
C6 FFA D . 3.59 -0.71 -32.22
C7 FFA D . 3.72 0.20 -30.91
C8 FFA D . 4.77 1.36 -31.09
C9 FFA D . 4.38 2.24 -32.31
C10 FFA D . 4.24 1.43 -33.61
C11 FFA D . 4.06 -0.66 -29.61
C12 FFA D . 4.16 0.28 -28.37
C14 FFA D . 4.88 2.21 -29.78
C13 FFA D . 5.28 1.36 -28.56
C15 FFA D . 5.85 3.40 -29.69
C16 FFA D . 5.83 3.72 -28.18
C17 FFA D . 5.42 2.43 -27.44
C18 FFA D . 6.67 0.64 -28.63
C19 FFA D . 4.87 -1.56 -32.51
O3 FFA D . 0.64 -1.38 -35.26
O17 FFA D . 4.18 2.66 -26.74
C1 BME E . -0.10 -13.65 -33.14
C2 BME E . -1.34 -13.07 -33.78
O1 BME E . 0.76 -14.16 -34.17
S2 BME E . -2.44 -12.42 -32.50
C1 BME F . 10.74 23.71 -23.25
C2 BME F . 11.57 24.01 -22.02
O1 BME F . 11.14 22.46 -23.82
S2 BME F . 11.06 25.60 -21.31
C1 EDO G . 5.45 -17.40 -24.45
O1 EDO G . 4.11 -17.88 -24.65
C2 EDO G . 5.64 -16.07 -25.18
O2 EDO G . 5.13 -15.17 -24.53
C1 EDO H . -0.65 19.32 -8.10
O1 EDO H . 0.41 20.07 -8.69
C2 EDO H . -1.96 19.64 -8.82
O2 EDO H . -2.48 18.61 -9.19
PA NAP I . -5.88 6.48 20.67
O1A NAP I . -4.54 7.13 20.55
O2A NAP I . -6.35 5.55 19.62
O5B NAP I . -6.97 7.62 20.92
C5B NAP I . -6.67 8.73 21.81
C4B NAP I . -7.86 9.67 21.86
O4B NAP I . -8.23 10.10 20.53
C3B NAP I . -9.17 9.11 22.46
O3B NAP I . -9.21 9.40 23.84
C2B NAP I . -10.27 9.79 21.61
O2B NAP I . -11.14 10.60 22.39
C1B NAP I . -9.55 10.62 20.58
N9A NAP I . -10.09 10.56 19.22
C8A NAP I . -10.35 9.43 18.47
N7A NAP I . -10.84 9.69 17.27
C5A NAP I . -10.89 11.04 17.23
C6A NAP I . -11.36 12.05 16.17
N6A NAP I . -11.81 11.64 14.97
N1A NAP I . -11.28 13.39 16.49
C2A NAP I . -10.80 13.80 17.72
N3A NAP I . -10.37 12.97 18.74
C4A NAP I . -10.44 11.61 18.43
O3 NAP I . -5.89 5.72 22.09
PN NAP I . -5.22 4.45 22.74
O1N NAP I . -5.07 4.69 24.19
O2N NAP I . -3.95 4.22 21.98
O5D NAP I . -6.21 3.24 22.50
C5D NAP I . -6.47 2.64 21.22
C4D NAP I . -6.38 1.14 21.30
O4D NAP I . -4.96 0.75 21.33
C3D NAP I . -6.94 0.45 22.57
O3D NAP I . -8.36 0.39 22.64
C2D NAP I . -6.21 -0.87 22.54
O2D NAP I . -6.93 -1.77 21.71
C1D NAP I . -4.82 -0.47 22.02
N1N NAP I . -3.79 -0.27 23.10
C2N NAP I . -2.80 -1.26 23.19
C3N NAP I . -1.77 -1.17 24.17
C7N NAP I . -0.70 -2.22 24.29
O7N NAP I . 0.18 -2.10 25.16
N7N NAP I . -0.70 -3.26 23.43
C4N NAP I . -1.78 -0.04 25.08
C5N NAP I . -2.79 0.97 24.99
C6N NAP I . -3.79 0.85 24.00
P2B NAP I . -12.73 10.40 22.45
O1X NAP I . -12.98 8.99 22.95
O2X NAP I . -13.15 11.52 23.36
O3X NAP I . -13.22 10.59 21.04
C1 FFA J . -8.07 0.19 31.18
C2 FFA J . -9.32 0.21 32.09
C3 FFA J . -9.31 -0.83 33.21
C4 FFA J . -8.00 -1.41 33.63
C5 FFA J . -6.82 -1.07 33.05
C6 FFA J . -6.66 -0.06 31.87
C7 FFA J . -5.69 -0.67 30.76
C8 FFA J . -4.32 -1.17 31.36
C9 FFA J . -4.60 -2.24 32.47
C10 FFA J . -5.53 -1.71 33.58
C11 FFA J . -5.43 0.35 29.57
C12 FFA J . -4.50 -0.31 28.51
C14 FFA J . -3.40 -1.74 30.24
C13 FFA J . -3.11 -0.70 29.13
C15 FFA J . -2.00 -2.28 30.57
C16 FFA J . -1.37 -2.42 29.17
C17 FFA J . -2.12 -1.46 28.21
C18 FFA J . -2.36 0.60 29.57
C19 FFA J . -6.14 1.29 32.46
O3 FFA J . -10.35 -1.17 33.77
O17 FFA J . -2.80 -2.25 27.22
C1 BME K . -17.20 8.13 30.81
C2 BME K . -17.96 8.01 29.50
O1 BME K . -17.04 9.51 31.13
S2 BME K . -18.16 6.25 29.09
C1 BME L . 17.22 -18.51 25.78
C2 BME L . 17.31 -17.52 24.65
O1 BME L . 17.54 -17.87 27.02
S2 BME L . 16.89 -18.34 23.08
C1 EDO M . 6.02 -18.31 9.01
O1 EDO M . 4.90 -18.22 9.90
C2 EDO M . 7.11 -17.33 9.46
O2 EDO M . 7.92 -17.91 10.15
#